data_5FCR
#
_entry.id   5FCR
#
_cell.length_a   51.271
_cell.length_b   52.866
_cell.length_c   84.278
_cell.angle_alpha   90.46
_cell.angle_beta   98.04
_cell.angle_gamma   90.14
#
_symmetry.space_group_name_H-M   'P 1'
#
loop_
_entity.id
_entity.type
_entity.pdbx_description
1 polymer 'Complement factor D'
2 non-polymer '4-(2-HYDROXYETHYL)-1-PIPERAZINE ETHANESULFONIC ACID'
3 non-polymer GLYCEROL
4 non-polymer 'SULFATE ION'
5 non-polymer 'DIMETHYL SULFOXIDE'
6 water water
#
_entity_poly.entity_id   1
_entity_poly.type   'polypeptide(L)'
_entity_poly.pdbx_seq_one_letter_code
;ILGGQEAAAHARPYMASVQVNGTHVCGGTLLDEQWVLSAAHCMDGVTDDDSVQVLLGAHSLSAPEPYKRWYDVQSVVPHP
GSRPDSLEDDLILFKLSQNASLGPHVRPLPLQYEDKEVEPGTLCDVAGWGVVTHAGRRPDVLHQLRVSIMNRTTCNLRTY
HDGVVTINMMCAESNRRDTCRGDSGSPLVCGDAVEGVVTWGSRVCGNGKKPGVYTRVSSYRMWIENITNGNMTS
;
_entity_poly.pdbx_strand_id   A,B,C,D
#
# COMPACT_ATOMS: atom_id res chain seq x y z
N ILE A 1 9.02 23.37 -0.70
CA ILE A 1 10.26 24.13 -0.51
C ILE A 1 11.05 24.09 -1.83
N LEU A 2 11.31 25.25 -2.33
CA LEU A 2 12.22 25.39 -3.49
C LEU A 2 13.63 25.55 -3.08
N GLY A 3 14.55 24.77 -3.65
CA GLY A 3 15.96 25.01 -3.43
C GLY A 3 16.54 24.44 -2.10
N GLY A 4 15.80 23.63 -1.40
CA GLY A 4 16.18 23.03 -0.25
C GLY A 4 16.73 21.63 -0.52
N GLN A 5 16.50 20.70 0.39
CA GLN A 5 16.86 19.33 0.18
C GLN A 5 16.03 18.44 1.05
N GLU A 6 16.07 17.15 0.70
CA GLU A 6 15.40 16.15 1.48
CA GLU A 6 15.39 16.16 1.47
C GLU A 6 15.91 16.23 2.90
N ALA A 7 15.02 16.33 3.86
CA ALA A 7 15.37 16.31 5.28
C ALA A 7 15.78 14.91 5.78
N ALA A 8 16.55 14.89 6.89
CA ALA A 8 16.76 13.69 7.60
C ALA A 8 15.46 13.13 8.04
N ALA A 9 15.27 11.82 7.83
CA ALA A 9 13.91 11.25 8.16
C ALA A 9 13.63 11.32 9.66
N HIS A 10 12.48 11.91 10.03
CA HIS A 10 12.01 11.91 11.37
C HIS A 10 12.81 12.79 12.26
N ALA A 11 13.72 13.62 11.74
CA ALA A 11 14.50 14.45 12.60
C ALA A 11 13.80 15.67 13.15
N ARG A 12 12.58 15.88 12.61
CA ARG A 12 11.69 16.99 13.05
C ARG A 12 10.40 16.33 13.41
N PRO A 13 10.35 15.63 14.57
CA PRO A 13 9.23 14.78 14.86
C PRO A 13 7.91 15.47 15.26
N TYR A 14 8.06 16.82 15.33
CA TYR A 14 6.91 17.74 15.52
C TYR A 14 6.20 17.94 14.16
N MET A 15 6.74 17.60 13.09
CA MET A 15 6.14 17.94 11.80
C MET A 15 4.95 17.11 11.54
N ALA A 16 3.84 17.85 11.25
CA ALA A 16 2.56 17.23 10.84
C ALA A 16 2.19 17.56 9.37
N SER A 17 1.61 16.65 8.68
CA SER A 17 0.97 16.93 7.38
C SER A 17 -0.50 17.00 7.60
N VAL A 18 -1.09 18.17 7.22
CA VAL A 18 -2.51 18.39 7.31
C VAL A 18 -3.04 17.98 5.95
N GLN A 19 -4.06 17.11 5.94
CA GLN A 19 -4.55 16.43 4.77
C GLN A 19 -6.01 16.57 4.59
N VAL A 20 -6.43 16.81 3.34
CA VAL A 20 -7.80 16.80 2.92
C VAL A 20 -8.04 15.72 1.97
N ASN A 21 -9.01 14.87 2.31
CA ASN A 21 -9.33 13.68 1.47
C ASN A 21 -8.11 12.86 1.06
N GLY A 22 -7.19 12.76 2.00
CA GLY A 22 -6.08 11.89 1.81
C GLY A 22 -4.87 12.43 1.10
N THR A 23 -4.82 13.72 0.91
CA THR A 23 -3.70 14.34 0.29
C THR A 23 -3.24 15.55 1.07
N HIS A 24 -1.95 15.61 1.23
CA HIS A 24 -1.31 16.76 1.87
C HIS A 24 -1.80 18.05 1.30
N VAL A 25 -2.15 18.98 2.17
CA VAL A 25 -2.39 20.35 1.76
C VAL A 25 -1.53 21.39 2.41
N CYS A 26 -1.04 21.06 3.64
CA CYS A 26 -0.29 22.06 4.45
C CYS A 26 0.54 21.35 5.50
N GLY A 27 1.56 22.03 5.96
CA GLY A 27 2.23 21.59 7.18
C GLY A 27 1.50 21.99 8.37
N GLY A 28 2.06 21.46 9.55
CA GLY A 28 1.59 21.84 10.84
C GLY A 28 2.62 21.37 11.92
N THR A 29 2.30 21.78 13.13
CA THR A 29 3.26 21.42 14.24
CA THR A 29 3.29 21.42 14.22
C THR A 29 2.42 20.87 15.32
N LEU A 30 2.98 19.70 15.86
CA LEU A 30 2.33 19.04 17.00
C LEU A 30 2.65 19.83 18.27
N LEU A 31 1.67 20.23 19.01
CA LEU A 31 1.84 21.03 20.20
C LEU A 31 1.90 20.16 21.50
N ASP A 32 1.10 19.14 21.53
CA ASP A 32 1.05 18.18 22.66
C ASP A 32 0.40 16.93 22.14
N GLU A 33 -0.17 16.12 23.02
CA GLU A 33 -0.80 14.88 22.54
C GLU A 33 -2.11 15.03 21.85
N GLN A 34 -2.67 16.27 21.89
CA GLN A 34 -4.01 16.48 21.36
C GLN A 34 -4.12 17.62 20.30
N TRP A 35 -3.17 18.54 20.20
CA TRP A 35 -3.40 19.77 19.35
C TRP A 35 -2.29 19.87 18.37
N VAL A 36 -2.69 20.37 17.16
CA VAL A 36 -1.81 20.69 16.06
C VAL A 36 -2.11 22.14 15.58
N LEU A 37 -1.06 22.89 15.41
CA LEU A 37 -1.15 24.32 14.91
C LEU A 37 -0.72 24.28 13.52
N SER A 38 -1.57 25.06 12.67
CA SER A 38 -1.29 25.22 11.24
C SER A 38 -1.75 26.66 10.86
N ALA A 39 -1.91 26.79 9.50
CA ALA A 39 -2.44 28.05 8.92
C ALA A 39 -3.90 27.92 8.52
N ALA A 40 -4.66 28.95 8.94
CA ALA A 40 -6.14 28.91 8.60
C ALA A 40 -6.44 28.82 7.11
N HIS A 41 -5.62 29.36 6.24
CA HIS A 41 -5.99 29.34 4.84
CA HIS A 41 -5.99 29.27 4.83
C HIS A 41 -5.90 27.88 4.31
N CYS A 42 -5.31 26.95 5.06
CA CYS A 42 -5.33 25.56 4.74
C CYS A 42 -6.75 24.98 4.58
N MET A 43 -7.73 25.55 5.26
CA MET A 43 -9.08 25.14 5.18
C MET A 43 -9.93 25.79 4.13
N ASP A 44 -9.35 26.70 3.41
CA ASP A 44 -10.13 27.47 2.44
C ASP A 44 -10.63 26.46 1.34
N GLY A 45 -11.87 26.50 0.97
CA GLY A 45 -12.46 25.57 0.00
C GLY A 45 -12.77 24.16 0.50
N VAL A 46 -12.44 23.86 1.74
CA VAL A 46 -12.86 22.59 2.42
C VAL A 46 -14.38 22.60 2.69
N THR A 47 -15.08 21.59 2.19
CA THR A 47 -16.54 21.53 2.27
C THR A 47 -16.89 20.42 3.20
N ASP A 48 -18.15 20.35 3.53
CA ASP A 48 -18.54 19.33 4.55
C ASP A 48 -18.48 17.89 3.99
N ASP A 49 -18.37 17.74 2.67
CA ASP A 49 -18.09 16.47 2.06
C ASP A 49 -16.62 16.00 2.13
N ASP A 50 -15.75 16.92 2.47
CA ASP A 50 -14.39 16.58 2.67
C ASP A 50 -14.02 16.15 4.06
N SER A 51 -12.93 15.37 4.15
CA SER A 51 -12.41 14.88 5.36
C SER A 51 -11.01 15.46 5.66
N VAL A 52 -10.84 15.97 6.84
CA VAL A 52 -9.57 16.57 7.22
C VAL A 52 -8.90 15.58 8.21
N GLN A 53 -7.64 15.29 7.99
CA GLN A 53 -6.87 14.46 8.85
C GLN A 53 -5.53 15.11 9.11
N VAL A 54 -4.91 14.66 10.13
CA VAL A 54 -3.48 14.96 10.42
C VAL A 54 -2.65 13.72 10.37
N LEU A 55 -1.57 13.72 9.59
CA LEU A 55 -0.63 12.65 9.50
C LEU A 55 0.60 13.01 10.35
N LEU A 56 0.88 12.19 11.36
CA LEU A 56 2.03 12.34 12.23
C LEU A 56 3.06 11.22 11.95
N GLY A 57 4.31 11.46 12.31
CA GLY A 57 5.37 10.39 12.17
C GLY A 57 5.91 10.20 10.81
N ALA A 58 5.61 11.14 9.89
CA ALA A 58 5.84 10.90 8.45
C ALA A 58 7.18 11.49 7.97
N HIS A 59 7.83 10.78 7.07
CA HIS A 59 8.86 11.28 6.24
C HIS A 59 8.33 11.24 4.80
N SER A 60 8.10 10.04 4.28
CA SER A 60 7.39 9.84 3.06
C SER A 60 5.89 9.93 3.29
N LEU A 61 5.25 10.55 2.32
CA LEU A 61 3.79 10.60 2.30
C LEU A 61 3.17 9.31 1.78
N SER A 62 3.96 8.42 1.16
CA SER A 62 3.43 7.20 0.50
C SER A 62 4.00 5.86 1.00
N ALA A 63 5.19 5.87 1.51
CA ALA A 63 5.92 4.59 1.83
C ALA A 63 5.66 4.20 3.31
N PRO A 64 5.77 2.88 3.59
CA PRO A 64 5.49 2.38 4.91
C PRO A 64 6.54 2.81 5.85
N GLU A 65 6.11 3.33 7.02
CA GLU A 65 7.08 3.77 8.04
C GLU A 65 6.50 3.34 9.37
N PRO A 66 7.33 3.08 10.38
CA PRO A 66 6.85 2.39 11.56
C PRO A 66 5.93 3.18 12.47
N TYR A 67 5.98 4.51 12.34
CA TYR A 67 5.15 5.32 13.28
C TYR A 67 4.27 6.31 12.56
N LYS A 68 4.16 6.15 11.23
CA LYS A 68 3.21 6.97 10.54
C LYS A 68 1.80 6.65 10.97
N ARG A 69 1.02 7.67 11.33
CA ARG A 69 -0.36 7.49 11.78
C ARG A 69 -1.17 8.66 11.42
N TRP A 70 -2.38 8.32 10.89
CA TRP A 70 -3.33 9.29 10.46
C TRP A 70 -4.41 9.45 11.55
N TYR A 71 -4.74 10.71 11.87
CA TYR A 71 -5.66 11.06 12.92
C TYR A 71 -6.77 11.83 12.33
N ASP A 72 -8.05 11.54 12.71
CA ASP A 72 -9.14 12.41 12.47
C ASP A 72 -9.06 13.60 13.46
N VAL A 73 -9.79 14.64 13.08
CA VAL A 73 -9.89 15.84 13.83
CA VAL A 73 -9.90 15.87 13.86
C VAL A 73 -11.29 16.02 14.43
N GLN A 74 -11.36 16.30 15.70
CA GLN A 74 -12.62 16.53 16.45
C GLN A 74 -12.98 17.99 16.66
N SER A 75 -12.00 18.89 16.55
CA SER A 75 -12.24 20.30 16.61
C SER A 75 -11.36 21.01 15.63
N VAL A 76 -11.95 21.93 14.90
CA VAL A 76 -11.29 22.84 13.96
C VAL A 76 -11.52 24.27 14.42
N VAL A 77 -10.46 24.94 14.85
CA VAL A 77 -10.55 26.24 15.47
C VAL A 77 -9.68 27.23 14.70
N PRO A 78 -10.25 27.88 13.68
CA PRO A 78 -9.53 28.98 13.04
C PRO A 78 -9.44 30.16 13.99
N HIS A 79 -8.36 30.94 13.86
CA HIS A 79 -8.33 32.18 14.66
C HIS A 79 -9.51 33.12 14.20
N PRO A 80 -10.19 33.68 15.16
CA PRO A 80 -11.35 34.55 14.74
C PRO A 80 -11.09 35.62 13.72
N GLY A 81 -9.91 36.18 13.66
CA GLY A 81 -9.56 37.15 12.64
C GLY A 81 -9.18 36.65 11.33
N SER A 82 -9.11 35.33 11.11
CA SER A 82 -8.69 34.78 9.85
CA SER A 82 -8.69 34.77 9.86
C SER A 82 -9.78 34.92 8.78
N ARG A 83 -9.30 35.16 7.56
CA ARG A 83 -10.26 35.33 6.38
C ARG A 83 -9.59 34.88 5.16
N PRO A 84 -10.41 34.43 4.12
CA PRO A 84 -9.75 34.04 2.90
C PRO A 84 -9.04 35.20 2.20
N ASP A 85 -9.62 36.40 2.26
CA ASP A 85 -9.01 37.53 1.60
C ASP A 85 -7.98 38.32 2.32
N SER A 86 -7.46 37.73 3.47
CA SER A 86 -6.57 38.48 4.37
C SER A 86 -5.32 37.68 4.76
N LEU A 87 -4.18 38.33 4.91
CA LEU A 87 -2.93 37.71 5.37
C LEU A 87 -2.97 37.58 6.88
N GLU A 88 -3.82 38.33 7.55
CA GLU A 88 -3.75 38.49 9.04
C GLU A 88 -4.35 37.29 9.77
N ASP A 89 -3.81 37.11 11.01
CA ASP A 89 -4.38 36.09 12.00
C ASP A 89 -4.51 34.71 11.34
N ASP A 90 -3.56 34.34 10.49
CA ASP A 90 -3.69 33.15 9.68
C ASP A 90 -3.20 31.84 10.49
N LEU A 91 -3.93 31.61 11.56
CA LEU A 91 -3.59 30.39 12.41
C LEU A 91 -4.81 29.62 12.57
N ILE A 92 -4.63 28.31 12.77
CA ILE A 92 -5.69 27.39 13.06
C ILE A 92 -5.17 26.28 14.02
N LEU A 93 -6.10 25.87 14.87
CA LEU A 93 -5.80 24.71 15.77
C LEU A 93 -6.74 23.64 15.46
N PHE A 94 -6.13 22.43 15.43
CA PHE A 94 -6.84 21.20 15.24
C PHE A 94 -6.69 20.32 16.48
N LYS A 95 -7.82 19.84 17.00
CA LYS A 95 -7.74 18.87 18.14
C LYS A 95 -7.93 17.47 17.53
N LEU A 96 -6.99 16.55 17.80
CA LEU A 96 -7.07 15.26 17.29
C LEU A 96 -8.19 14.47 18.00
N SER A 97 -8.86 13.63 17.22
CA SER A 97 -9.97 12.81 17.80
CA SER A 97 -9.97 12.79 17.71
C SER A 97 -9.53 11.77 18.74
N GLN A 98 -8.28 11.39 18.71
CA GLN A 98 -7.72 10.46 19.68
C GLN A 98 -6.34 10.96 20.03
N ASN A 99 -5.88 10.69 21.26
CA ASN A 99 -4.61 11.17 21.74
C ASN A 99 -3.47 10.64 20.89
N ALA A 100 -2.53 11.49 20.52
CA ALA A 100 -1.43 11.05 19.77
C ALA A 100 -0.48 10.21 20.59
N SER A 101 0.02 9.11 20.03
CA SER A 101 1.01 8.30 20.58
CA SER A 101 1.00 8.33 20.59
C SER A 101 2.37 8.94 20.26
N LEU A 102 3.12 9.32 21.30
CA LEU A 102 4.43 9.96 21.12
C LEU A 102 5.54 8.93 21.10
N GLY A 103 6.60 9.13 20.50
CA GLY A 103 7.66 8.21 20.27
C GLY A 103 8.81 8.77 19.57
N PRO A 104 9.73 7.94 19.07
CA PRO A 104 10.94 8.44 18.47
C PRO A 104 10.62 9.36 17.27
N HIS A 105 9.56 9.15 16.55
CA HIS A 105 9.21 9.89 15.34
C HIS A 105 8.09 10.89 15.57
N VAL A 106 7.53 11.03 16.74
CA VAL A 106 6.39 11.87 17.03
C VAL A 106 6.57 12.52 18.36
N ARG A 107 6.85 13.84 18.38
CA ARG A 107 7.13 14.58 19.58
CA ARG A 107 7.13 14.60 19.59
C ARG A 107 6.79 16.09 19.37
N PRO A 108 6.19 16.68 20.27
CA PRO A 108 5.92 18.13 20.11
C PRO A 108 7.19 18.92 20.26
N LEU A 109 7.15 20.19 19.75
CA LEU A 109 8.11 21.19 19.99
C LEU A 109 7.48 22.39 20.67
N PRO A 110 8.13 22.98 21.65
CA PRO A 110 7.53 24.19 22.26
C PRO A 110 7.38 25.36 21.27
N LEU A 111 6.35 26.13 21.57
CA LEU A 111 6.15 27.45 20.92
C LEU A 111 6.86 28.50 21.64
N GLN A 112 7.41 29.46 20.92
CA GLN A 112 7.94 30.68 21.57
C GLN A 112 6.84 31.49 22.20
N TYR A 113 6.93 31.78 23.48
CA TYR A 113 6.03 32.66 24.18
C TYR A 113 6.50 34.10 24.37
N GLU A 114 7.79 34.27 24.36
CA GLU A 114 8.41 35.58 24.54
C GLU A 114 8.30 36.37 23.28
N ASP A 115 7.83 37.61 23.38
CA ASP A 115 7.60 38.49 22.26
C ASP A 115 8.87 39.22 21.95
N LYS A 116 9.70 38.63 21.10
CA LYS A 116 11.03 39.04 20.84
C LYS A 116 11.31 38.90 19.37
N GLU A 117 11.70 39.95 18.69
CA GLU A 117 12.05 39.81 17.30
C GLU A 117 13.34 39.08 17.12
N VAL A 118 13.34 38.23 16.10
CA VAL A 118 14.55 37.53 15.76
C VAL A 118 15.43 38.49 14.90
N GLU A 119 16.71 38.55 15.22
CA GLU A 119 17.65 39.47 14.62
C GLU A 119 17.81 39.10 13.18
N PRO A 120 17.95 40.13 12.32
CA PRO A 120 18.13 39.85 10.89
C PRO A 120 19.40 39.12 10.70
N GLY A 121 19.32 38.18 9.78
CA GLY A 121 20.51 37.35 9.43
C GLY A 121 20.57 36.02 10.16
N THR A 122 19.77 35.89 11.23
CA THR A 122 19.67 34.65 11.98
C THR A 122 19.16 33.63 11.02
N LEU A 123 19.72 32.41 11.01
CA LEU A 123 19.29 31.30 10.22
C LEU A 123 18.26 30.47 11.00
N CYS A 124 17.05 30.35 10.52
CA CYS A 124 16.04 29.52 11.14
C CYS A 124 15.70 28.39 10.12
N ASP A 125 15.01 27.38 10.61
CA ASP A 125 14.71 26.16 9.84
C ASP A 125 13.21 26.09 9.50
N VAL A 126 12.97 25.73 8.19
CA VAL A 126 11.60 25.43 7.84
C VAL A 126 11.63 24.14 6.99
N ALA A 127 10.67 23.33 7.20
CA ALA A 127 10.49 22.04 6.53
C ALA A 127 9.05 21.88 6.07
N GLY A 128 8.86 21.22 4.92
CA GLY A 128 7.53 20.95 4.47
C GLY A 128 7.53 20.05 3.27
N TRP A 129 6.30 19.73 2.88
CA TRP A 129 6.02 18.83 1.77
C TRP A 129 5.44 19.67 0.57
N GLY A 130 5.71 20.95 0.54
CA GLY A 130 5.32 21.79 -0.61
C GLY A 130 6.15 21.54 -1.80
N VAL A 131 5.75 22.22 -2.89
CA VAL A 131 6.31 21.97 -4.21
C VAL A 131 7.82 22.24 -4.15
N VAL A 132 8.56 21.51 -4.98
CA VAL A 132 10.03 21.61 -5.02
C VAL A 132 10.50 22.13 -6.38
N THR A 133 9.57 22.40 -7.25
CA THR A 133 9.88 23.07 -8.53
C THR A 133 8.79 24.04 -8.87
N HIS A 134 9.11 25.05 -9.69
CA HIS A 134 8.10 25.99 -10.19
C HIS A 134 6.96 25.32 -10.98
N ALA A 135 7.30 24.21 -11.71
CA ALA A 135 6.26 23.52 -12.47
C ALA A 135 5.32 22.76 -11.56
N GLY A 136 5.68 22.65 -10.27
CA GLY A 136 4.75 22.08 -9.31
C GLY A 136 5.00 20.66 -8.85
N ARG A 137 6.25 20.19 -8.98
CA ARG A 137 6.59 18.82 -8.49
C ARG A 137 6.32 18.75 -7.02
N ARG A 138 5.50 17.79 -6.64
CA ARG A 138 5.33 17.52 -5.20
C ARG A 138 6.31 16.46 -4.79
N PRO A 139 7.05 16.71 -3.72
CA PRO A 139 7.90 15.71 -3.25
C PRO A 139 7.15 14.64 -2.44
N ASP A 140 7.64 13.43 -2.47
CA ASP A 140 7.17 12.35 -1.62
C ASP A 140 7.65 12.57 -0.18
N VAL A 141 8.89 13.08 0.00
CA VAL A 141 9.45 13.17 1.34
C VAL A 141 9.63 14.61 1.83
N LEU A 142 9.71 14.79 3.10
CA LEU A 142 9.89 16.10 3.73
C LEU A 142 11.25 16.73 3.22
N HIS A 143 11.15 17.98 2.80
CA HIS A 143 12.28 18.84 2.50
C HIS A 143 12.44 19.95 3.60
N GLN A 144 13.70 20.46 3.66
CA GLN A 144 14.04 21.47 4.60
C GLN A 144 14.94 22.49 3.95
N LEU A 145 14.89 23.68 4.55
CA LEU A 145 15.68 24.83 4.11
C LEU A 145 16.01 25.73 5.35
N ARG A 146 17.25 26.20 5.41
CA ARG A 146 17.64 27.24 6.37
CA ARG A 146 17.65 27.22 6.38
C ARG A 146 17.43 28.57 5.71
N VAL A 147 16.66 29.42 6.39
CA VAL A 147 16.30 30.72 5.84
C VAL A 147 16.81 31.83 6.76
N SER A 148 17.21 32.92 6.13
CA SER A 148 17.77 34.07 6.82
C SER A 148 16.72 35.05 7.19
N ILE A 149 16.54 35.44 8.41
CA ILE A 149 15.48 36.33 8.82
C ILE A 149 15.79 37.76 8.31
N MET A 150 14.69 38.48 7.97
CA MET A 150 14.73 39.91 7.50
C MET A 150 13.89 40.65 8.54
N ASN A 151 14.34 41.87 8.96
CA ASN A 151 13.54 42.63 9.90
C ASN A 151 12.28 43.19 9.20
N ARG A 152 11.34 43.52 10.04
CA ARG A 152 10.09 43.99 9.57
C ARG A 152 10.25 45.31 8.79
N THR A 153 11.12 46.17 9.24
CA THR A 153 11.23 47.48 8.58
C THR A 153 11.72 47.21 7.17
N THR A 154 12.64 46.32 6.91
CA THR A 154 13.04 45.98 5.58
C THR A 154 11.98 45.32 4.75
N CYS A 155 11.25 44.37 5.38
CA CYS A 155 10.32 43.62 4.60
C CYS A 155 9.12 44.52 4.14
N ASN A 156 8.88 45.53 4.97
CA ASN A 156 7.76 46.47 4.60
C ASN A 156 8.14 47.61 3.67
N LEU A 157 9.32 47.71 3.24
CA LEU A 157 9.67 48.79 2.29
C LEU A 157 8.90 48.53 1.01
N ARG A 158 8.78 49.64 0.20
CA ARG A 158 7.96 49.62 -1.02
C ARG A 158 8.56 48.64 -2.00
N THR A 159 9.86 48.37 -1.94
CA THR A 159 10.46 47.40 -2.85
C THR A 159 10.26 45.93 -2.45
N TYR A 160 9.70 45.68 -1.28
CA TYR A 160 9.45 44.35 -0.79
C TYR A 160 7.92 44.22 -0.63
N HIS A 161 7.36 44.13 0.57
CA HIS A 161 5.95 43.93 0.77
C HIS A 161 5.12 45.18 1.06
N ASP A 162 5.80 46.34 1.10
CA ASP A 162 5.08 47.63 1.02
C ASP A 162 4.00 47.79 2.09
N GLY A 163 4.36 47.54 3.35
CA GLY A 163 3.58 47.90 4.49
C GLY A 163 2.60 46.87 5.00
N VAL A 164 2.46 45.72 4.32
CA VAL A 164 1.47 44.73 4.75
C VAL A 164 1.87 43.81 5.89
N VAL A 165 3.16 43.77 6.21
CA VAL A 165 3.65 42.90 7.29
C VAL A 165 3.39 43.58 8.59
N THR A 166 2.54 42.98 9.41
CA THR A 166 2.14 43.54 10.66
C THR A 166 3.19 43.14 11.77
N ILE A 167 2.99 43.70 12.97
CA ILE A 167 3.74 43.31 14.13
C ILE A 167 3.54 41.82 14.51
N ASN A 168 2.53 41.15 14.02
CA ASN A 168 2.26 39.75 14.37
C ASN A 168 2.82 38.90 13.24
N MET A 169 3.71 39.35 12.40
CA MET A 169 4.30 38.66 11.30
C MET A 169 5.77 38.90 11.27
N MET A 170 6.47 38.04 10.60
CA MET A 170 7.92 38.09 10.43
C MET A 170 8.30 37.65 9.01
N CYS A 171 9.44 38.02 8.54
CA CYS A 171 9.86 37.70 7.23
C CYS A 171 11.17 36.95 7.10
N ALA A 172 11.44 36.30 6.02
CA ALA A 172 12.68 35.68 5.70
C ALA A 172 13.07 35.86 4.21
N GLU A 173 14.35 35.83 3.92
CA GLU A 173 14.82 35.97 2.55
C GLU A 173 14.26 34.88 1.66
N SER A 174 14.08 35.19 0.39
CA SER A 174 13.37 34.35 -0.57
C SER A 174 14.06 34.29 -1.93
N ASN A 175 15.29 34.67 -2.08
CA ASN A 175 15.96 34.61 -3.34
C ASN A 175 16.30 33.18 -3.75
N ARG A 176 15.55 32.67 -4.71
CA ARG A 176 15.74 31.43 -5.41
C ARG A 176 15.26 30.28 -4.52
N ARG A 177 15.65 30.24 -3.25
CA ARG A 177 15.36 29.13 -2.33
C ARG A 177 14.24 29.74 -1.43
N ASP A 178 13.15 29.02 -1.26
CA ASP A 178 11.96 29.62 -0.62
C ASP A 178 10.93 28.57 -0.23
N THR A 179 10.01 28.93 0.65
CA THR A 179 8.80 28.12 0.86
C THR A 179 7.88 28.36 -0.35
N CYS A 180 6.99 27.41 -0.61
CA CYS A 180 6.07 27.55 -1.71
C CYS A 180 4.77 26.79 -1.43
N ARG A 181 3.98 26.55 -2.48
CA ARG A 181 2.63 26.01 -2.28
C ARG A 181 2.72 24.62 -1.62
N GLY A 182 1.91 24.48 -0.60
CA GLY A 182 1.99 23.30 0.21
C GLY A 182 2.84 23.39 1.49
N ASP A 183 3.66 24.43 1.62
CA ASP A 183 4.44 24.70 2.84
C ASP A 183 3.70 25.54 3.85
N SER A 184 2.56 26.13 3.44
N SER A 184 2.58 26.13 3.45
CA SER A 184 1.71 26.92 4.41
CA SER A 184 1.73 26.89 4.37
C SER A 184 1.48 26.04 5.65
C SER A 184 1.48 26.03 5.65
N GLY A 185 1.45 26.67 6.80
CA GLY A 185 1.26 25.91 8.02
C GLY A 185 2.49 25.21 8.65
N SER A 186 3.48 25.02 7.86
N SER A 186 3.50 25.04 7.87
CA SER A 186 4.71 24.46 8.42
CA SER A 186 4.72 24.52 8.46
C SER A 186 5.29 25.49 9.39
C SER A 186 5.24 25.51 9.44
N PRO A 187 5.91 25.05 10.52
CA PRO A 187 6.54 25.94 11.48
C PRO A 187 7.90 26.41 10.98
N LEU A 188 8.26 27.61 11.41
CA LEU A 188 9.61 28.18 11.29
C LEU A 188 10.22 28.07 12.70
N VAL A 189 11.31 27.28 12.77
CA VAL A 189 11.96 27.03 14.03
C VAL A 189 13.23 27.84 14.17
N CYS A 190 13.26 28.62 15.22
CA CYS A 190 14.39 29.46 15.52
C CYS A 190 14.88 29.05 16.92
N GLY A 191 16.09 28.56 17.04
CA GLY A 191 16.55 28.18 18.33
C GLY A 191 15.87 26.87 18.69
N ASP A 192 15.34 26.83 19.91
CA ASP A 192 14.74 25.62 20.44
C ASP A 192 13.24 25.55 20.26
N ALA A 193 12.66 26.53 19.50
CA ALA A 193 11.22 26.64 19.56
C ALA A 193 10.65 27.07 18.19
N VAL A 194 9.37 26.80 18.08
CA VAL A 194 8.63 27.40 16.94
C VAL A 194 8.47 28.92 17.15
N GLU A 195 8.98 29.60 16.09
CA GLU A 195 8.85 31.06 16.10
C GLU A 195 7.66 31.51 15.20
N GLY A 196 7.46 30.84 14.12
CA GLY A 196 6.48 31.33 13.15
C GLY A 196 5.85 30.19 12.48
N VAL A 197 4.75 30.50 11.71
CA VAL A 197 4.01 29.54 10.90
C VAL A 197 3.92 30.08 9.48
N VAL A 198 4.30 29.36 8.48
CA VAL A 198 4.26 29.86 7.04
C VAL A 198 2.85 30.31 6.77
N THR A 199 2.79 31.52 6.17
CA THR A 199 1.54 32.04 5.60
C THR A 199 1.82 32.38 4.14
N TRP A 200 0.82 32.90 3.47
CA TRP A 200 0.80 33.56 2.12
C TRP A 200 1.05 32.53 1.12
N GLY A 201 0.16 31.53 1.11
CA GLY A 201 0.45 30.28 0.27
C GLY A 201 0.56 30.46 -1.23
N SER A 202 -0.17 31.53 -1.65
CA SER A 202 -0.31 32.05 -3.04
C SER A 202 0.82 32.98 -3.58
N ARG A 203 1.57 33.46 -2.55
CA ARG A 203 2.74 34.30 -2.85
C ARG A 203 3.54 33.57 -3.90
N VAL A 204 4.11 34.34 -4.73
CA VAL A 204 5.13 33.86 -5.61
C VAL A 204 6.30 33.29 -4.82
N CYS A 205 6.98 32.35 -5.45
CA CYS A 205 8.06 31.69 -4.75
C CYS A 205 9.37 32.02 -5.41
N GLY A 206 10.36 32.26 -4.57
CA GLY A 206 11.70 32.38 -5.04
C GLY A 206 12.11 33.73 -5.59
N ASN A 207 11.28 34.73 -5.39
CA ASN A 207 11.57 36.09 -5.78
C ASN A 207 12.10 36.77 -4.52
N GLY A 208 13.38 37.20 -4.58
CA GLY A 208 14.01 37.84 -3.43
C GLY A 208 13.31 39.12 -3.04
N LYS A 209 12.60 39.80 -3.94
CA LYS A 209 11.86 41.01 -3.53
C LYS A 209 10.43 40.76 -3.03
N LYS A 210 10.07 39.47 -2.88
CA LYS A 210 8.80 39.10 -2.24
C LYS A 210 9.17 38.04 -1.16
N PRO A 211 9.64 38.56 -0.02
CA PRO A 211 10.09 37.69 1.08
C PRO A 211 9.04 36.73 1.54
N GLY A 212 9.55 35.61 2.12
CA GLY A 212 8.69 34.73 2.86
C GLY A 212 8.04 35.38 4.06
N VAL A 213 6.77 35.14 4.33
CA VAL A 213 6.11 35.72 5.48
C VAL A 213 5.59 34.58 6.39
N TYR A 214 5.65 34.88 7.68
CA TYR A 214 5.31 33.89 8.66
C TYR A 214 4.57 34.56 9.74
N THR A 215 3.54 33.93 10.29
CA THR A 215 2.80 34.42 11.38
C THR A 215 3.58 34.18 12.69
N ARG A 216 3.78 35.10 13.56
CA ARG A 216 4.60 34.97 14.81
C ARG A 216 3.69 34.38 15.83
N VAL A 217 4.11 33.18 16.37
CA VAL A 217 3.34 32.49 17.37
C VAL A 217 3.26 33.18 18.72
N SER A 218 4.32 33.93 19.08
CA SER A 218 4.26 34.64 20.32
C SER A 218 3.15 35.66 20.38
N SER A 219 2.77 36.24 19.25
CA SER A 219 1.72 37.22 19.10
C SER A 219 0.36 36.65 19.44
N TYR A 220 0.23 35.33 19.34
CA TYR A 220 -1.02 34.65 19.53
C TYR A 220 -0.98 33.70 20.78
N ARG A 221 -0.10 34.01 21.72
CA ARG A 221 0.12 33.15 22.85
C ARG A 221 -1.13 33.02 23.75
N MET A 222 -1.88 34.14 23.88
CA MET A 222 -3.06 34.12 24.69
C MET A 222 -4.17 33.21 24.09
N TRP A 223 -4.39 33.39 22.81
CA TRP A 223 -5.36 32.52 22.11
C TRP A 223 -4.93 31.09 22.10
N ILE A 224 -3.69 30.85 21.83
CA ILE A 224 -3.27 29.44 21.83
C ILE A 224 -3.44 28.78 23.20
N GLU A 225 -3.06 29.49 24.25
CA GLU A 225 -3.22 28.97 25.60
C GLU A 225 -4.66 28.71 25.93
N ASN A 226 -5.53 29.64 25.54
CA ASN A 226 -6.93 29.56 25.91
C ASN A 226 -7.59 28.40 25.20
N ILE A 227 -7.28 28.21 23.92
CA ILE A 227 -7.87 27.17 23.15
C ILE A 227 -7.38 25.81 23.59
N THR A 228 -6.07 25.67 23.81
CA THR A 228 -5.45 24.37 24.07
C THR A 228 -5.45 23.98 25.56
N ASN A 229 -5.87 24.87 26.44
CA ASN A 229 -5.87 24.59 27.86
C ASN A 229 -6.52 23.23 28.14
N GLY A 230 -5.90 22.54 29.06
CA GLY A 230 -6.12 21.15 29.33
C GLY A 230 -7.33 21.07 30.27
N ILE B 1 -11.74 -18.38 1.77
CA ILE B 1 -10.47 -17.67 1.96
C ILE B 1 -9.58 -17.82 0.74
N LEU B 2 -9.27 -16.65 0.16
CA LEU B 2 -8.25 -16.59 -0.98
C LEU B 2 -6.88 -16.46 -0.47
N GLY B 3 -5.97 -17.30 -0.90
CA GLY B 3 -4.57 -17.05 -0.55
C GLY B 3 -4.16 -17.51 0.88
N GLY B 4 -4.97 -18.33 1.51
CA GLY B 4 -4.66 -18.98 2.75
C GLY B 4 -4.21 -20.41 2.49
N GLN B 5 -4.55 -21.25 3.38
CA GLN B 5 -4.21 -22.67 3.25
C GLN B 5 -5.09 -23.45 4.13
N GLU B 6 -4.94 -24.73 3.88
CA GLU B 6 -5.65 -25.66 4.68
CA GLU B 6 -5.66 -25.67 4.68
C GLU B 6 -5.22 -25.58 6.14
N ALA B 7 -6.13 -25.40 7.07
CA ALA B 7 -5.91 -25.39 8.49
C ALA B 7 -5.54 -26.82 9.03
N ALA B 8 -4.79 -26.77 10.15
CA ALA B 8 -4.62 -28.02 10.93
C ALA B 8 -6.01 -28.50 11.37
N ALA B 9 -6.28 -29.81 11.13
CA ALA B 9 -7.54 -30.33 11.46
C ALA B 9 -8.00 -30.16 12.83
N HIS B 10 -9.06 -29.59 13.25
CA HIS B 10 -9.61 -29.45 14.54
C HIS B 10 -8.80 -28.59 15.47
N ALA B 11 -7.86 -27.77 14.92
CA ALA B 11 -7.07 -26.91 15.76
C ALA B 11 -7.79 -25.67 16.27
N ARG B 12 -9.00 -25.46 15.62
CA ARG B 12 -9.88 -24.27 15.97
C ARG B 12 -11.22 -24.85 16.29
N PRO B 13 -11.43 -25.50 17.47
CA PRO B 13 -12.57 -26.31 17.77
C PRO B 13 -13.90 -25.58 18.08
N TYR B 14 -13.65 -24.22 18.13
CA TYR B 14 -14.78 -23.25 18.22
C TYR B 14 -15.47 -23.10 16.82
N MET B 15 -14.89 -23.51 15.78
CA MET B 15 -15.49 -23.19 14.43
C MET B 15 -16.66 -23.95 14.21
N ALA B 16 -17.72 -23.22 13.70
CA ALA B 16 -18.99 -23.75 13.23
C ALA B 16 -19.23 -23.56 11.74
N SER B 17 -19.88 -24.43 11.07
CA SER B 17 -20.38 -24.19 9.70
C SER B 17 -21.86 -24.15 9.83
N VAL B 18 -22.38 -22.91 9.42
CA VAL B 18 -23.82 -22.68 9.36
C VAL B 18 -24.30 -23.10 7.95
N GLN B 19 -25.31 -23.96 7.92
CA GLN B 19 -25.67 -24.67 6.73
C GLN B 19 -27.16 -24.47 6.42
N VAL B 20 -27.41 -24.27 5.10
CA VAL B 20 -28.76 -24.13 4.60
C VAL B 20 -28.97 -25.25 3.56
N ASN B 21 -30.06 -25.99 3.78
CA ASN B 21 -30.39 -27.13 2.88
C ASN B 21 -29.27 -28.10 2.66
N GLY B 22 -28.49 -28.27 3.71
CA GLY B 22 -27.46 -29.25 3.75
C GLY B 22 -26.06 -28.78 3.30
N THR B 23 -25.91 -27.50 3.00
CA THR B 23 -24.67 -26.97 2.49
C THR B 23 -24.23 -25.78 3.30
N HIS B 24 -22.91 -25.71 3.60
CA HIS B 24 -22.31 -24.58 4.18
C HIS B 24 -22.73 -23.21 3.44
N VAL B 25 -23.14 -22.27 4.29
CA VAL B 25 -23.30 -20.89 3.75
C VAL B 25 -22.39 -19.96 4.42
N CYS B 26 -22.02 -20.14 5.72
CA CYS B 26 -21.34 -19.18 6.54
C CYS B 26 -20.55 -19.84 7.69
N GLY B 27 -19.59 -19.19 8.14
CA GLY B 27 -18.95 -19.63 9.42
C GLY B 27 -19.69 -19.12 10.54
N GLY B 28 -19.26 -19.60 11.74
CA GLY B 28 -19.76 -19.21 12.94
C GLY B 28 -18.86 -19.63 14.14
N THR B 29 -19.23 -19.26 15.29
CA THR B 29 -18.35 -19.60 16.50
C THR B 29 -19.29 -20.04 17.56
N LEU B 30 -18.82 -21.18 18.20
CA LEU B 30 -19.56 -21.78 19.34
C LEU B 30 -19.34 -20.96 20.64
N LEU B 31 -20.38 -20.49 21.27
CA LEU B 31 -20.25 -19.68 22.44
C LEU B 31 -20.30 -20.49 23.73
N ASP B 32 -21.15 -21.51 23.72
CA ASP B 32 -21.39 -22.40 24.86
C ASP B 32 -22.08 -23.62 24.32
N GLU B 33 -22.69 -24.45 25.13
CA GLU B 33 -23.29 -25.68 24.68
C GLU B 33 -24.52 -25.46 23.82
N GLN B 34 -25.12 -24.28 23.87
CA GLN B 34 -26.40 -24.05 23.19
C GLN B 34 -26.34 -22.95 22.11
N TRP B 35 -25.36 -22.10 22.08
CA TRP B 35 -25.45 -20.85 21.22
C TRP B 35 -24.28 -20.79 20.33
N VAL B 36 -24.56 -20.36 19.08
CA VAL B 36 -23.61 -20.09 18.02
C VAL B 36 -23.79 -18.64 17.48
N LEU B 37 -22.72 -17.95 17.38
CA LEU B 37 -22.72 -16.55 16.84
C LEU B 37 -22.22 -16.64 15.44
N SER B 38 -22.96 -15.86 14.57
CA SER B 38 -22.61 -15.74 13.14
C SER B 38 -23.01 -14.23 12.71
N ALA B 39 -23.04 -14.17 11.36
CA ALA B 39 -23.52 -12.90 10.70
C ALA B 39 -24.92 -13.12 10.23
N ALA B 40 -25.68 -11.97 10.51
CA ALA B 40 -27.12 -11.99 10.16
C ALA B 40 -27.41 -12.07 8.71
N HIS B 41 -26.55 -11.58 7.87
CA HIS B 41 -26.83 -11.71 6.42
C HIS B 41 -26.93 -13.16 5.96
N CYS B 42 -26.28 -14.06 6.78
CA CYS B 42 -26.37 -15.48 6.49
C CYS B 42 -27.72 -16.05 6.38
N MET B 43 -28.72 -15.43 7.02
CA MET B 43 -30.09 -15.84 6.89
C MET B 43 -31.00 -15.05 5.91
N ASP B 44 -30.34 -14.16 5.23
CA ASP B 44 -31.15 -13.37 4.25
C ASP B 44 -31.69 -14.35 3.26
N GLY B 45 -33.01 -14.24 2.92
CA GLY B 45 -33.56 -15.10 1.91
C GLY B 45 -33.90 -16.54 2.32
N VAL B 46 -33.60 -16.92 3.54
CA VAL B 46 -33.90 -18.28 4.03
C VAL B 46 -35.38 -18.40 4.31
N THR B 47 -36.00 -19.18 3.45
CA THR B 47 -37.40 -19.20 3.42
C THR B 47 -37.83 -20.22 4.43
N ASP B 48 -39.11 -20.31 4.69
CA ASP B 48 -39.61 -21.31 5.65
C ASP B 48 -39.50 -22.73 5.09
N ASP B 49 -39.37 -22.88 3.77
CA ASP B 49 -39.04 -24.22 3.23
C ASP B 49 -37.62 -24.60 3.27
N ASP B 50 -36.75 -23.67 3.51
CA ASP B 50 -35.34 -23.94 3.64
C ASP B 50 -35.04 -24.37 5.04
N SER B 51 -34.04 -25.27 5.17
CA SER B 51 -33.59 -25.90 6.45
C SER B 51 -32.30 -25.32 6.99
N VAL B 52 -32.13 -25.11 8.33
CA VAL B 52 -30.89 -24.53 8.86
C VAL B 52 -30.28 -25.45 9.90
N GLN B 53 -29.02 -25.74 9.79
CA GLN B 53 -28.29 -26.54 10.75
C GLN B 53 -26.96 -25.94 11.00
N VAL B 54 -26.35 -26.33 12.14
CA VAL B 54 -25.02 -25.92 12.45
C VAL B 54 -24.08 -27.18 12.59
N LEU B 55 -23.04 -27.29 11.84
CA LEU B 55 -22.08 -28.40 11.94
C LEU B 55 -20.92 -27.96 12.80
N LEU B 56 -20.73 -28.77 13.87
CA LEU B 56 -19.65 -28.60 14.81
C LEU B 56 -18.65 -29.76 14.68
N GLY B 57 -17.44 -29.49 15.10
CA GLY B 57 -16.47 -30.64 15.11
C GLY B 57 -15.86 -30.96 13.85
N ALA B 58 -15.99 -30.06 12.80
CA ALA B 58 -15.58 -30.38 11.50
C ALA B 58 -14.28 -29.89 11.00
N HIS B 59 -13.63 -30.62 10.15
CA HIS B 59 -12.57 -30.17 9.32
C HIS B 59 -13.04 -30.33 7.94
N SER B 60 -13.34 -31.42 7.37
CA SER B 60 -14.02 -31.63 6.12
C SER B 60 -15.46 -31.56 6.27
N LEU B 61 -16.10 -30.86 5.27
CA LEU B 61 -17.53 -30.76 5.19
C LEU B 61 -18.20 -32.04 4.77
N SER B 62 -17.43 -32.92 4.13
CA SER B 62 -18.06 -34.12 3.42
C SER B 62 -17.61 -35.49 3.91
N ALA B 63 -16.47 -35.56 4.61
CA ALA B 63 -15.82 -36.83 5.00
C ALA B 63 -16.17 -37.13 6.45
N PRO B 64 -16.18 -38.44 6.80
CA PRO B 64 -16.54 -38.80 8.15
C PRO B 64 -15.44 -38.42 9.13
N GLU B 65 -15.82 -37.84 10.27
CA GLU B 65 -14.86 -37.49 11.32
C GLU B 65 -15.52 -37.80 12.65
N PRO B 66 -14.76 -38.16 13.71
CA PRO B 66 -15.39 -38.77 14.86
C PRO B 66 -16.25 -37.92 15.78
N TYR B 67 -16.11 -36.55 15.61
CA TYR B 67 -16.88 -35.62 16.42
C TYR B 67 -17.66 -34.59 15.55
N LYS B 68 -17.76 -34.89 14.28
CA LYS B 68 -18.67 -34.07 13.45
C LYS B 68 -20.04 -34.32 13.86
N ARG B 69 -20.81 -33.27 14.14
CA ARG B 69 -22.14 -33.32 14.52
C ARG B 69 -22.97 -32.19 13.95
N TRP B 70 -24.04 -32.56 13.30
CA TRP B 70 -24.96 -31.57 12.80
C TRP B 70 -26.07 -31.33 13.82
N TYR B 71 -26.23 -30.07 14.25
CA TYR B 71 -27.18 -29.69 15.20
C TYR B 71 -28.31 -28.93 14.49
N ASP B 72 -29.55 -29.20 14.85
CA ASP B 72 -30.66 -28.42 14.48
C ASP B 72 -30.77 -27.21 15.38
N VAL B 73 -31.52 -26.24 14.85
CA VAL B 73 -31.70 -24.93 15.42
C VAL B 73 -33.08 -24.72 15.89
N GLN B 74 -33.26 -24.36 17.15
CA GLN B 74 -34.60 -24.07 17.73
C GLN B 74 -34.91 -22.59 17.70
N SER B 75 -33.94 -21.71 17.67
CA SER B 75 -34.24 -20.26 17.63
CA SER B 75 -34.17 -20.25 17.72
C SER B 75 -33.17 -19.61 16.77
N VAL B 76 -33.62 -18.59 16.03
CA VAL B 76 -32.86 -17.78 15.16
C VAL B 76 -33.00 -16.34 15.61
N VAL B 77 -32.02 -15.69 16.08
CA VAL B 77 -32.04 -14.37 16.76
C VAL B 77 -31.13 -13.39 16.07
N PRO B 78 -31.62 -12.73 14.99
CA PRO B 78 -30.85 -11.68 14.39
C PRO B 78 -30.73 -10.41 15.24
N HIS B 79 -29.60 -9.73 15.24
CA HIS B 79 -29.56 -8.50 16.03
C HIS B 79 -30.74 -7.54 15.50
N PRO B 80 -31.40 -6.88 16.40
CA PRO B 80 -32.56 -6.04 15.94
C PRO B 80 -32.16 -5.00 14.93
N GLY B 81 -30.95 -4.52 14.86
CA GLY B 81 -30.51 -3.55 13.89
C GLY B 81 -30.13 -4.02 12.56
N SER B 82 -30.06 -5.37 12.39
CA SER B 82 -29.59 -5.89 11.17
CA SER B 82 -29.61 -5.94 11.21
C SER B 82 -30.61 -5.77 10.03
N ARG B 83 -30.11 -5.55 8.83
CA ARG B 83 -30.97 -5.37 7.68
C ARG B 83 -30.25 -5.85 6.50
N PRO B 84 -30.97 -6.49 5.53
CA PRO B 84 -30.33 -6.84 4.25
C PRO B 84 -29.51 -5.79 3.58
N ASP B 85 -30.06 -4.59 3.62
CA ASP B 85 -29.44 -3.45 2.95
C ASP B 85 -28.39 -2.70 3.70
N SER B 86 -27.96 -3.29 4.83
CA SER B 86 -27.03 -2.55 5.71
C SER B 86 -25.81 -3.40 6.08
N LEU B 87 -24.68 -2.75 6.23
CA LEU B 87 -23.54 -3.30 6.77
C LEU B 87 -23.55 -3.43 8.36
N GLU B 88 -24.41 -2.67 9.01
CA GLU B 88 -24.40 -2.49 10.44
C GLU B 88 -25.13 -3.61 11.14
N ASP B 89 -24.67 -3.81 12.43
CA ASP B 89 -25.34 -4.70 13.36
C ASP B 89 -25.49 -6.16 12.79
N ASP B 90 -24.48 -6.56 12.03
CA ASP B 90 -24.68 -7.79 11.25
C ASP B 90 -24.25 -9.10 12.08
N LEU B 91 -24.99 -9.26 13.15
CA LEU B 91 -24.76 -10.48 14.02
C LEU B 91 -26.02 -11.16 14.15
N ILE B 92 -25.90 -12.50 14.41
CA ILE B 92 -27.05 -13.35 14.63
C ILE B 92 -26.61 -14.51 15.65
N LEU B 93 -27.57 -14.82 16.43
CA LEU B 93 -27.40 -15.99 17.40
C LEU B 93 -28.37 -17.06 17.03
N PHE B 94 -27.78 -18.31 16.99
CA PHE B 94 -28.52 -19.54 16.77
C PHE B 94 -28.60 -20.35 18.09
N LYS B 95 -29.72 -20.72 18.56
CA LYS B 95 -29.84 -21.62 19.71
C LYS B 95 -30.08 -23.04 19.17
N LEU B 96 -29.14 -23.93 19.52
CA LEU B 96 -29.26 -25.33 19.08
C LEU B 96 -30.44 -26.00 19.82
N SER B 97 -31.02 -26.99 19.17
CA SER B 97 -32.14 -27.70 19.73
C SER B 97 -31.82 -28.73 20.82
N GLN B 98 -30.54 -28.98 21.00
CA GLN B 98 -30.04 -29.78 22.07
C GLN B 98 -28.64 -29.28 22.45
N ASN B 99 -28.18 -29.64 23.63
CA ASN B 99 -26.88 -29.29 24.01
C ASN B 99 -25.83 -29.92 23.15
N ALA B 100 -24.86 -29.16 22.70
CA ALA B 100 -23.73 -29.70 21.99
C ALA B 100 -22.80 -30.49 22.91
N SER B 101 -22.32 -31.64 22.44
CA SER B 101 -21.33 -32.41 23.13
C SER B 101 -19.99 -31.73 23.02
N LEU B 102 -19.35 -31.34 24.12
CA LEU B 102 -18.08 -30.62 24.09
C LEU B 102 -16.95 -31.60 24.20
N GLY B 103 -15.82 -31.42 23.62
CA GLY B 103 -14.67 -32.32 23.60
C GLY B 103 -13.48 -31.68 22.91
N PRO B 104 -12.49 -32.47 22.54
CA PRO B 104 -11.31 -31.93 21.94
C PRO B 104 -11.59 -31.17 20.59
N HIS B 105 -12.58 -31.65 19.86
CA HIS B 105 -12.90 -31.06 18.54
C HIS B 105 -14.04 -30.02 18.64
N VAL B 106 -14.67 -29.82 19.75
CA VAL B 106 -15.83 -29.01 19.91
C VAL B 106 -15.71 -28.24 21.19
N ARG B 107 -15.31 -27.02 21.16
CA ARG B 107 -14.97 -26.29 22.36
C ARG B 107 -15.21 -24.78 22.12
N PRO B 108 -15.98 -24.13 22.94
CA PRO B 108 -16.13 -22.68 22.74
C PRO B 108 -14.89 -21.88 23.00
N LEU B 109 -14.75 -20.75 22.35
CA LEU B 109 -13.71 -19.76 22.59
C LEU B 109 -14.38 -18.52 23.19
N PRO B 110 -13.83 -17.93 24.26
CA PRO B 110 -14.40 -16.70 24.70
C PRO B 110 -14.48 -15.54 23.67
N LEU B 111 -15.46 -14.74 23.87
CA LEU B 111 -15.61 -13.47 23.17
C LEU B 111 -14.92 -12.39 23.88
N GLN B 112 -14.33 -11.45 23.15
CA GLN B 112 -13.75 -10.25 23.81
C GLN B 112 -14.92 -9.44 24.39
N TYR B 113 -14.78 -9.08 25.66
CA TYR B 113 -15.70 -8.27 26.36
C TYR B 113 -15.21 -6.79 26.54
N GLU B 114 -13.92 -6.60 26.51
CA GLU B 114 -13.36 -5.25 26.76
C GLU B 114 -13.40 -4.47 25.46
N ASP B 115 -14.04 -3.32 25.52
CA ASP B 115 -14.24 -2.42 24.37
C ASP B 115 -13.00 -1.66 24.09
N LYS B 116 -12.17 -2.19 23.23
CA LYS B 116 -10.82 -1.66 22.97
C LYS B 116 -10.50 -1.98 21.46
N GLU B 117 -9.97 -1.05 20.73
CA GLU B 117 -9.44 -1.40 19.42
C GLU B 117 -8.14 -2.20 19.48
N VAL B 118 -8.00 -3.08 18.50
CA VAL B 118 -6.86 -3.94 18.41
C VAL B 118 -5.81 -3.08 17.84
N GLU B 119 -4.59 -3.15 18.38
CA GLU B 119 -3.45 -2.37 17.88
C GLU B 119 -3.23 -2.69 16.42
N PRO B 120 -3.22 -1.70 15.56
CA PRO B 120 -2.83 -2.01 14.13
C PRO B 120 -1.50 -2.74 14.01
N GLY B 121 -1.47 -3.65 13.05
CA GLY B 121 -0.33 -4.52 12.81
C GLY B 121 -0.36 -5.83 13.57
N THR B 122 -1.28 -5.95 14.52
CA THR B 122 -1.46 -7.22 15.24
C THR B 122 -1.90 -8.21 14.16
N LEU B 123 -1.32 -9.39 14.34
CA LEU B 123 -1.74 -10.49 13.44
C LEU B 123 -2.83 -11.32 14.09
N CYS B 124 -4.00 -11.34 13.50
CA CYS B 124 -5.06 -12.18 13.99
C CYS B 124 -5.38 -13.33 12.98
N ASP B 125 -6.22 -14.28 13.39
CA ASP B 125 -6.48 -15.43 12.58
C ASP B 125 -7.94 -15.49 12.12
N VAL B 126 -8.19 -15.82 10.85
CA VAL B 126 -9.58 -16.10 10.45
C VAL B 126 -9.55 -17.42 9.64
N ALA B 127 -10.55 -18.19 9.90
CA ALA B 127 -10.71 -19.46 9.21
C ALA B 127 -12.15 -19.61 8.64
N GLY B 128 -12.23 -20.31 7.54
CA GLY B 128 -13.53 -20.61 7.02
C GLY B 128 -13.48 -21.49 5.84
N TRP B 129 -14.71 -21.78 5.40
CA TRP B 129 -14.96 -22.69 4.34
C TRP B 129 -15.51 -21.85 3.02
N GLY B 130 -15.18 -20.60 3.00
CA GLY B 130 -15.47 -19.77 1.76
C GLY B 130 -14.66 -20.10 0.69
N VAL B 131 -14.98 -19.53 -0.51
CA VAL B 131 -14.28 -19.86 -1.71
C VAL B 131 -12.77 -19.63 -1.64
N VAL B 132 -12.06 -20.42 -2.37
CA VAL B 132 -10.58 -20.40 -2.38
C VAL B 132 -10.01 -20.03 -3.75
N THR B 133 -10.91 -19.82 -4.71
CA THR B 133 -10.54 -19.26 -6.00
C THR B 133 -11.56 -18.26 -6.37
N HIS B 134 -11.19 -17.32 -7.24
CA HIS B 134 -12.15 -16.33 -7.80
C HIS B 134 -13.31 -16.94 -8.53
N ALA B 135 -13.04 -18.00 -9.29
CA ALA B 135 -14.14 -18.66 -10.04
C ALA B 135 -15.11 -19.36 -9.16
N GLY B 136 -14.75 -19.53 -7.87
CA GLY B 136 -15.72 -20.06 -6.88
C GLY B 136 -15.48 -21.44 -6.36
N ARG B 137 -14.29 -22.00 -6.50
CA ARG B 137 -14.00 -23.32 -5.92
C ARG B 137 -14.22 -23.29 -4.40
N ARG B 138 -15.06 -24.22 -3.94
CA ARG B 138 -15.34 -24.28 -2.50
C ARG B 138 -14.51 -25.40 -1.92
N PRO B 139 -13.75 -25.15 -0.87
CA PRO B 139 -12.89 -26.17 -0.32
C PRO B 139 -13.73 -27.16 0.52
N ASP B 140 -13.29 -28.38 0.49
CA ASP B 140 -13.87 -29.36 1.40
C ASP B 140 -13.45 -29.11 2.84
N VAL B 141 -12.21 -28.68 3.02
CA VAL B 141 -11.69 -28.51 4.37
C VAL B 141 -11.46 -27.10 4.82
N LEU B 142 -11.46 -26.80 6.03
CA LEU B 142 -11.22 -25.50 6.61
C LEU B 142 -9.99 -24.95 6.20
N HIS B 143 -9.99 -23.66 5.70
CA HIS B 143 -8.83 -22.89 5.46
C HIS B 143 -8.70 -21.79 6.47
N GLN B 144 -7.47 -21.26 6.56
CA GLN B 144 -7.11 -20.24 7.48
C GLN B 144 -6.13 -19.25 6.88
N LEU B 145 -6.19 -18.05 7.46
CA LEU B 145 -5.33 -16.97 7.00
C LEU B 145 -5.02 -16.08 8.22
N ARG B 146 -3.72 -15.69 8.35
CA ARG B 146 -3.33 -14.66 9.26
C ARG B 146 -3.43 -13.29 8.64
N VAL B 147 -4.18 -12.41 9.28
CA VAL B 147 -4.45 -11.09 8.79
C VAL B 147 -3.95 -10.02 9.72
N SER B 148 -3.48 -8.91 9.14
CA SER B 148 -2.92 -7.80 9.89
C SER B 148 -4.00 -6.72 10.10
N ILE B 149 -4.29 -6.40 11.34
CA ILE B 149 -5.31 -5.40 11.63
C ILE B 149 -4.86 -4.01 11.22
N MET B 150 -5.81 -3.27 10.67
CA MET B 150 -5.55 -1.95 10.17
C MET B 150 -6.05 -0.96 11.21
N ASN B 151 -5.44 0.22 11.19
CA ASN B 151 -6.07 1.39 11.78
C ASN B 151 -7.37 1.79 11.05
N ARG B 152 -8.42 1.98 11.84
CA ARG B 152 -9.69 2.33 11.28
C ARG B 152 -9.65 3.64 10.43
N THR B 153 -8.83 4.58 10.86
CA THR B 153 -8.66 5.81 10.14
C THR B 153 -8.08 5.59 8.76
N THR B 154 -7.18 4.62 8.63
CA THR B 154 -6.69 4.29 7.33
C THR B 154 -7.82 3.63 6.52
N CYS B 155 -8.49 2.61 7.12
CA CYS B 155 -9.46 1.94 6.29
CA CYS B 155 -9.54 1.95 6.40
C CYS B 155 -10.66 2.81 5.89
N ASN B 156 -10.89 3.89 6.61
CA ASN B 156 -11.95 4.79 6.16
C ASN B 156 -11.56 5.87 5.19
N LEU B 157 -10.30 5.92 4.79
CA LEU B 157 -9.92 6.95 3.81
C LEU B 157 -10.73 6.76 2.55
N ARG B 158 -10.88 7.81 1.77
CA ARG B 158 -11.66 7.71 0.57
C ARG B 158 -11.06 6.70 -0.43
N THR B 159 -9.73 6.49 -0.38
CA THR B 159 -8.96 5.52 -1.16
C THR B 159 -9.28 4.05 -0.79
N TYR B 160 -9.84 3.88 0.41
CA TYR B 160 -10.22 2.54 0.95
C TYR B 160 -11.76 2.45 1.04
N HIS B 161 -12.35 2.45 2.23
CA HIS B 161 -13.75 2.28 2.37
C HIS B 161 -14.58 3.55 2.54
N ASP B 162 -13.89 4.68 2.56
CA ASP B 162 -14.58 5.99 2.54
C ASP B 162 -15.63 6.21 3.59
N GLY B 163 -15.22 5.97 4.85
CA GLY B 163 -16.01 6.34 6.00
C GLY B 163 -17.06 5.39 6.50
N VAL B 164 -17.20 4.21 5.87
CA VAL B 164 -18.27 3.26 6.26
C VAL B 164 -17.98 2.32 7.41
N VAL B 165 -16.72 2.28 7.83
CA VAL B 165 -16.32 1.36 8.88
C VAL B 165 -16.56 2.04 10.21
N THR B 166 -17.63 1.65 10.85
CA THR B 166 -18.10 2.34 12.04
C THR B 166 -17.26 1.89 13.28
N ILE B 167 -17.45 2.57 14.43
CA ILE B 167 -16.76 2.14 15.63
C ILE B 167 -17.08 0.74 16.09
N ASN B 168 -18.15 0.12 15.53
CA ASN B 168 -18.55 -1.20 15.89
C ASN B 168 -17.96 -2.21 14.90
N MET B 169 -16.99 -1.82 14.10
CA MET B 169 -16.34 -2.59 13.11
C MET B 169 -14.82 -2.53 13.21
N MET B 170 -14.13 -3.37 12.53
CA MET B 170 -12.71 -3.32 12.41
C MET B 170 -12.28 -3.85 11.02
N CYS B 171 -11.05 -3.56 10.62
CA CYS B 171 -10.51 -3.87 9.32
CA CYS B 171 -10.56 -3.95 9.33
C CYS B 171 -9.24 -4.62 9.39
N ALA B 172 -9.02 -5.44 8.37
CA ALA B 172 -7.74 -6.08 8.18
C ALA B 172 -7.32 -6.09 6.68
N GLU B 173 -6.01 -6.17 6.51
CA GLU B 173 -5.46 -6.03 5.16
C GLU B 173 -6.08 -7.08 4.20
N SER B 174 -6.16 -6.77 2.90
CA SER B 174 -6.85 -7.63 1.89
C SER B 174 -6.12 -7.74 0.53
N ASN B 175 -4.85 -7.45 0.52
CA ASN B 175 -4.07 -7.57 -0.74
C ASN B 175 -3.78 -8.99 -1.15
N ARG B 176 -4.51 -9.45 -2.16
CA ARG B 176 -4.35 -10.78 -2.77
C ARG B 176 -4.93 -11.85 -1.87
N ARG B 177 -4.56 -11.87 -0.58
CA ARG B 177 -5.03 -12.89 0.35
C ARG B 177 -6.15 -12.26 1.12
N ASP B 178 -7.28 -12.96 1.29
CA ASP B 178 -8.47 -12.31 1.83
C ASP B 178 -9.56 -13.30 2.22
N THR B 179 -10.51 -12.88 3.02
CA THR B 179 -11.72 -13.58 3.18
C THR B 179 -12.60 -13.35 1.94
N CYS B 180 -13.45 -14.32 1.59
CA CYS B 180 -14.34 -14.21 0.41
C CYS B 180 -15.68 -14.81 0.69
N ARG B 181 -16.46 -15.09 -0.40
CA ARG B 181 -17.77 -15.57 -0.30
C ARG B 181 -17.89 -16.90 0.46
N GLY B 182 -18.70 -16.95 1.46
CA GLY B 182 -18.76 -18.13 2.35
C GLY B 182 -17.93 -18.00 3.63
N ASP B 183 -17.14 -17.00 3.79
CA ASP B 183 -16.45 -16.70 5.03
C ASP B 183 -17.19 -15.84 5.97
N SER B 184 -18.28 -15.16 5.46
N SER B 184 -18.25 -15.16 5.44
CA SER B 184 -19.15 -14.37 6.38
CA SER B 184 -19.12 -14.39 6.33
C SER B 184 -19.46 -15.17 7.66
C SER B 184 -19.45 -15.18 7.64
N GLY B 185 -19.54 -14.52 8.75
CA GLY B 185 -19.87 -15.23 10.00
C GLY B 185 -18.63 -15.93 10.74
N SER B 186 -17.63 -16.16 9.97
CA SER B 186 -16.45 -16.75 10.69
C SER B 186 -15.96 -15.80 11.67
N PRO B 187 -15.33 -16.24 12.80
CA PRO B 187 -14.76 -15.40 13.77
C PRO B 187 -13.35 -14.97 13.38
N LEU B 188 -12.99 -13.77 13.81
CA LEU B 188 -11.63 -13.23 13.78
C LEU B 188 -11.08 -13.27 15.21
N VAL B 189 -10.03 -14.11 15.34
CA VAL B 189 -9.45 -14.41 16.68
C VAL B 189 -8.16 -13.62 16.81
N CYS B 190 -8.11 -12.82 17.90
CA CYS B 190 -6.93 -11.97 18.26
C CYS B 190 -6.55 -12.34 19.66
N GLY B 191 -5.33 -12.83 19.85
CA GLY B 191 -4.96 -13.25 21.16
C GLY B 191 -5.74 -14.54 21.50
N ASP B 192 -6.36 -14.48 22.66
CA ASP B 192 -7.02 -15.65 23.24
C ASP B 192 -8.56 -15.57 23.04
N ALA B 193 -9.06 -14.71 22.17
CA ALA B 193 -10.49 -14.45 22.15
C ALA B 193 -10.98 -14.06 20.76
N VAL B 194 -12.26 -14.32 20.58
CA VAL B 194 -12.91 -13.79 19.38
C VAL B 194 -13.05 -12.23 19.46
N GLU B 195 -12.47 -11.59 18.50
CA GLU B 195 -12.58 -10.17 18.42
C GLU B 195 -13.66 -9.69 17.45
N GLY B 196 -13.81 -10.43 16.34
CA GLY B 196 -14.69 -9.90 15.27
C GLY B 196 -15.32 -11.03 14.64
N VAL B 197 -16.39 -10.72 13.81
CA VAL B 197 -17.12 -11.62 12.99
C VAL B 197 -17.08 -11.17 11.52
N VAL B 198 -16.68 -11.91 10.54
CA VAL B 198 -16.61 -11.44 9.15
C VAL B 198 -18.02 -10.95 8.70
N THR B 199 -17.99 -9.72 8.11
CA THR B 199 -19.15 -9.18 7.48
C THR B 199 -18.83 -8.85 6.02
N TRP B 200 -19.84 -8.17 5.40
CA TRP B 200 -19.74 -7.75 4.01
C TRP B 200 -19.35 -8.99 3.09
N GLY B 201 -20.30 -9.93 2.98
CA GLY B 201 -20.03 -11.13 2.14
C GLY B 201 -19.82 -11.00 0.64
N SER B 202 -20.51 -9.95 0.16
CA SER B 202 -20.49 -9.47 -1.22
C SER B 202 -19.26 -8.65 -1.71
N ARG B 203 -18.50 -8.23 -0.69
CA ARG B 203 -17.30 -7.41 -0.92
C ARG B 203 -16.45 -8.10 -1.96
N VAL B 204 -15.83 -7.32 -2.82
CA VAL B 204 -14.79 -7.85 -3.71
C VAL B 204 -13.73 -8.49 -2.86
N CYS B 205 -13.15 -9.56 -3.40
CA CYS B 205 -12.12 -10.24 -2.65
C CYS B 205 -10.72 -9.98 -3.20
N GLY B 206 -9.76 -9.76 -2.27
CA GLY B 206 -8.36 -9.74 -2.69
C GLY B 206 -7.84 -8.42 -3.30
N ASN B 207 -8.63 -7.34 -3.19
CA ASN B 207 -8.22 -6.01 -3.57
C ASN B 207 -7.74 -5.31 -2.27
N GLY B 208 -6.44 -4.91 -2.28
CA GLY B 208 -5.82 -4.29 -1.11
C GLY B 208 -6.46 -2.95 -0.75
N LYS B 209 -7.15 -2.31 -1.69
CA LYS B 209 -7.81 -1.02 -1.42
C LYS B 209 -9.25 -1.25 -0.95
N LYS B 210 -9.64 -2.52 -0.75
CA LYS B 210 -10.98 -2.78 -0.18
C LYS B 210 -10.80 -3.82 0.93
N PRO B 211 -10.30 -3.36 2.10
CA PRO B 211 -9.95 -4.19 3.24
C PRO B 211 -11.09 -5.09 3.68
N GLY B 212 -10.75 -6.18 4.30
CA GLY B 212 -11.70 -7.04 5.00
C GLY B 212 -12.33 -6.29 6.20
N VAL B 213 -13.65 -6.44 6.37
CA VAL B 213 -14.40 -5.79 7.47
C VAL B 213 -15.01 -6.85 8.39
N TYR B 214 -15.02 -6.50 9.64
CA TYR B 214 -15.46 -7.46 10.67
C TYR B 214 -16.30 -6.69 11.66
N THR B 215 -17.35 -7.25 12.16
CA THR B 215 -18.16 -6.72 13.23
C THR B 215 -17.40 -6.95 14.57
N ARG B 216 -17.20 -5.95 15.41
CA ARG B 216 -16.52 -6.13 16.70
C ARG B 216 -17.46 -6.67 17.74
N VAL B 217 -17.12 -7.85 18.27
CA VAL B 217 -18.00 -8.47 19.23
C VAL B 217 -18.13 -7.73 20.58
N SER B 218 -17.08 -7.05 20.98
CA SER B 218 -17.21 -6.31 22.23
C SER B 218 -18.28 -5.23 22.21
N SER B 219 -18.53 -4.66 21.05
CA SER B 219 -19.53 -3.64 20.83
C SER B 219 -20.95 -4.15 21.10
N TYR B 220 -21.08 -5.51 21.07
CA TYR B 220 -22.39 -6.08 21.20
C TYR B 220 -22.50 -7.01 22.42
N ARG B 221 -21.59 -6.71 23.35
CA ARG B 221 -21.58 -7.56 24.56
C ARG B 221 -22.88 -7.57 25.32
N MET B 222 -23.61 -6.43 25.39
CA MET B 222 -24.81 -6.38 26.07
C MET B 222 -25.89 -7.25 25.48
N TRP B 223 -26.07 -7.11 24.18
CA TRP B 223 -27.01 -7.98 23.46
C TRP B 223 -26.63 -9.45 23.58
N ILE B 224 -25.37 -9.78 23.35
CA ILE B 224 -25.01 -11.19 23.39
C ILE B 224 -25.32 -11.76 24.75
N GLU B 225 -24.97 -10.99 25.79
CA GLU B 225 -25.13 -11.50 27.15
C GLU B 225 -26.59 -11.72 27.43
N ASN B 226 -27.40 -10.73 27.02
CA ASN B 226 -28.81 -10.79 27.33
C ASN B 226 -29.46 -11.94 26.61
N ILE B 227 -29.13 -12.21 25.36
CA ILE B 227 -29.77 -13.29 24.64
C ILE B 227 -29.32 -14.64 25.20
N THR B 228 -28.02 -14.78 25.49
CA THR B 228 -27.44 -16.10 25.86
C THR B 228 -27.46 -16.42 27.35
N ASN B 229 -28.00 -15.48 28.12
CA ASN B 229 -28.14 -15.70 29.55
C ASN B 229 -28.94 -16.95 29.91
N GLY B 230 -28.52 -17.62 30.96
CA GLY B 230 -29.02 -18.98 31.26
C GLY B 230 -30.48 -19.09 31.57
N ILE C 1 0.32 7.28 -31.32
CA ILE C 1 -0.80 6.36 -31.74
C ILE C 1 -0.30 5.20 -32.62
N LEU C 2 -0.48 4.03 -32.12
CA LEU C 2 -0.19 2.79 -32.95
C LEU C 2 -1.34 2.34 -33.75
N GLY C 3 -1.14 2.07 -35.08
CA GLY C 3 -2.23 1.51 -35.87
C GLY C 3 -3.30 2.49 -36.30
N GLY C 4 -3.09 3.76 -36.20
CA GLY C 4 -3.90 4.84 -36.69
C GLY C 4 -3.39 5.33 -38.02
N GLN C 5 -3.57 6.58 -38.26
CA GLN C 5 -3.18 7.15 -39.53
C GLN C 5 -2.98 8.59 -39.36
N GLU C 6 -2.25 9.11 -40.34
CA GLU C 6 -2.10 10.59 -40.37
C GLU C 6 -3.49 11.28 -40.40
N ALA C 7 -3.68 12.20 -39.50
CA ALA C 7 -4.93 12.99 -39.48
C ALA C 7 -4.99 13.99 -40.62
N ALA C 8 -6.23 14.44 -40.91
CA ALA C 8 -6.42 15.58 -41.78
C ALA C 8 -5.80 16.81 -41.13
N ALA C 9 -5.08 17.53 -41.91
CA ALA C 9 -4.35 18.68 -41.31
C ALA C 9 -5.36 19.69 -40.77
N HIS C 10 -5.17 20.08 -39.54
CA HIS C 10 -5.91 21.16 -38.87
C HIS C 10 -7.35 20.86 -38.68
N ALA C 11 -7.74 19.58 -38.85
CA ALA C 11 -9.11 19.27 -38.68
C ALA C 11 -9.61 19.15 -37.19
N ARG C 12 -8.61 19.16 -36.26
CA ARG C 12 -8.86 19.14 -34.82
C ARG C 12 -8.11 20.24 -34.25
N PRO C 13 -8.71 21.54 -34.45
CA PRO C 13 -7.97 22.75 -34.14
C PRO C 13 -7.80 23.12 -32.71
N TYR C 14 -8.40 22.21 -31.86
CA TYR C 14 -8.24 22.28 -30.45
C TYR C 14 -6.94 21.50 -29.98
N MET C 15 -6.34 20.86 -30.88
CA MET C 15 -5.17 20.03 -30.41
C MET C 15 -4.00 20.91 -30.17
N ALA C 16 -3.36 20.68 -28.97
CA ALA C 16 -2.10 21.32 -28.51
C ALA C 16 -0.97 20.35 -28.41
N SER C 17 0.21 20.69 -28.77
CA SER C 17 1.40 19.99 -28.42
C SER C 17 2.11 20.69 -27.30
N VAL C 18 2.24 19.98 -26.17
CA VAL C 18 2.94 20.42 -24.99
C VAL C 18 4.40 20.07 -25.14
N GLN C 19 5.26 21.07 -25.10
CA GLN C 19 6.66 20.92 -25.45
C GLN C 19 7.56 21.33 -24.29
N VAL C 20 8.65 20.74 -24.21
CA VAL C 20 9.68 21.04 -23.17
C VAL C 20 11.00 21.17 -23.95
N ASN C 21 11.46 22.46 -23.92
CA ASN C 21 12.69 22.82 -24.67
C ASN C 21 12.66 22.42 -26.14
N GLY C 22 11.53 22.72 -26.69
CA GLY C 22 11.36 22.52 -28.10
C GLY C 22 11.01 21.08 -28.58
N THR C 23 10.79 20.09 -27.68
CA THR C 23 10.36 18.79 -28.10
C THR C 23 8.99 18.42 -27.52
N HIS C 24 8.14 17.92 -28.38
CA HIS C 24 6.86 17.38 -27.94
C HIS C 24 7.01 16.37 -26.85
N VAL C 25 6.24 16.58 -25.78
CA VAL C 25 6.11 15.55 -24.75
CA VAL C 25 6.14 15.53 -24.74
C VAL C 25 4.75 14.95 -24.58
N CYS C 26 3.74 15.76 -24.85
CA CYS C 26 2.34 15.32 -24.54
C CYS C 26 1.38 16.12 -25.41
N GLY C 27 0.19 15.54 -25.60
CA GLY C 27 -0.93 16.35 -26.18
C GLY C 27 -1.56 17.14 -25.12
N GLY C 28 -2.50 18.03 -25.63
CA GLY C 28 -3.35 18.77 -24.73
C GLY C 28 -4.52 19.39 -25.62
N THR C 29 -5.45 19.98 -24.88
CA THR C 29 -6.63 20.52 -25.55
C THR C 29 -6.73 22.00 -25.09
N LEU C 30 -7.07 22.84 -26.16
CA LEU C 30 -7.28 24.27 -25.91
C LEU C 30 -8.65 24.49 -25.32
N LEU C 31 -8.79 25.07 -24.19
CA LEU C 31 -10.04 25.26 -23.57
C LEU C 31 -10.71 26.65 -23.93
N ASP C 32 -9.84 27.64 -24.06
CA ASP C 32 -10.28 29.05 -24.36
C ASP C 32 -9.04 29.70 -24.77
N GLU C 33 -9.01 31.05 -24.81
CA GLU C 33 -7.83 31.76 -25.26
C GLU C 33 -6.64 31.76 -24.37
N GLN C 34 -6.85 31.29 -23.12
CA GLN C 34 -5.81 31.26 -22.10
C GLN C 34 -5.37 29.93 -21.53
N TRP C 35 -6.24 28.88 -21.65
CA TRP C 35 -5.98 27.62 -20.84
C TRP C 35 -5.95 26.48 -21.78
N VAL C 36 -4.96 25.60 -21.43
CA VAL C 36 -4.80 24.28 -22.07
C VAL C 36 -4.81 23.15 -21.03
N LEU C 37 -5.61 22.19 -21.29
CA LEU C 37 -5.76 20.99 -20.36
C LEU C 37 -4.95 19.88 -20.95
N SER C 38 -4.15 19.24 -20.01
CA SER C 38 -3.33 18.08 -20.39
C SER C 38 -3.32 17.15 -19.15
N ALA C 39 -2.32 16.26 -19.26
CA ALA C 39 -2.07 15.27 -18.14
C ALA C 39 -0.88 15.69 -17.25
N ALA C 40 -1.15 15.62 -15.96
CA ALA C 40 -0.07 16.02 -15.00
C ALA C 40 1.25 15.26 -15.06
N HIS C 41 1.21 14.04 -15.50
CA HIS C 41 2.49 13.27 -15.57
CA HIS C 41 2.52 13.30 -15.59
C HIS C 41 3.38 13.91 -16.68
N CYS C 42 2.79 14.72 -17.56
CA CYS C 42 3.61 15.40 -18.54
C CYS C 42 4.75 16.29 -18.04
N MET C 43 4.57 16.73 -16.79
CA MET C 43 5.56 17.55 -16.15
C MET C 43 6.57 16.85 -15.27
N ASP C 44 6.36 15.55 -15.14
CA ASP C 44 7.22 14.75 -14.31
C ASP C 44 8.70 14.85 -14.84
N GLY C 45 9.64 15.22 -14.02
CA GLY C 45 11.08 15.46 -14.52
C GLY C 45 11.39 16.81 -15.24
N VAL C 46 10.41 17.67 -15.38
CA VAL C 46 10.65 19.05 -15.80
C VAL C 46 11.27 19.84 -14.67
N THR C 47 12.34 20.47 -15.00
CA THR C 47 13.09 21.18 -14.02
C THR C 47 12.86 22.69 -14.24
N ASP C 48 13.35 23.49 -13.25
CA ASP C 48 13.24 24.93 -13.34
C ASP C 48 14.10 25.51 -14.50
N ASP C 49 15.07 24.77 -14.99
CA ASP C 49 15.84 25.18 -16.15
C ASP C 49 15.19 24.94 -17.51
N ASP C 50 14.11 24.20 -17.52
CA ASP C 50 13.42 23.87 -18.77
C ASP C 50 12.35 24.93 -19.17
N SER C 51 12.11 25.05 -20.50
CA SER C 51 11.17 25.96 -21.04
C SER C 51 9.95 25.11 -21.51
N VAL C 52 8.79 25.46 -21.04
CA VAL C 52 7.53 24.78 -21.42
C VAL C 52 6.84 25.75 -22.34
N GLN C 53 6.45 25.16 -23.51
CA GLN C 53 5.64 25.89 -24.40
C GLN C 53 4.49 25.03 -24.81
N VAL C 54 3.50 25.68 -25.33
CA VAL C 54 2.42 25.05 -25.99
C VAL C 54 2.45 25.49 -27.40
N LEU C 55 2.36 24.55 -28.32
CA LEU C 55 2.24 24.78 -29.77
C LEU C 55 0.82 24.58 -30.19
N LEU C 56 0.15 25.62 -30.71
CA LEU C 56 -1.17 25.60 -31.27
C LEU C 56 -1.11 25.71 -32.83
N GLY C 57 -2.12 25.23 -33.48
CA GLY C 57 -2.26 25.43 -34.95
C GLY C 57 -1.44 24.46 -35.78
N ALA C 58 -0.98 23.38 -35.14
CA ALA C 58 -0.02 22.53 -35.79
C ALA C 58 -0.67 21.24 -36.42
N HIS C 59 -0.01 20.86 -37.52
CA HIS C 59 -0.11 19.53 -38.08
C HIS C 59 1.23 18.92 -37.98
N SER C 60 2.21 19.39 -38.73
CA SER C 60 3.60 19.05 -38.56
C SER C 60 4.21 19.80 -37.40
N LEU C 61 5.02 19.07 -36.72
CA LEU C 61 5.87 19.63 -35.64
C LEU C 61 7.03 20.42 -36.18
N SER C 62 7.39 20.24 -37.46
CA SER C 62 8.64 20.83 -38.02
C SER C 62 8.45 21.76 -39.22
N ALA C 63 7.45 21.55 -40.02
CA ALA C 63 7.21 22.33 -41.25
C ALA C 63 6.45 23.62 -41.07
N PRO C 64 6.71 24.61 -41.94
CA PRO C 64 6.02 25.92 -41.85
C PRO C 64 4.57 25.77 -42.16
N GLU C 65 3.73 26.28 -41.26
CA GLU C 65 2.37 26.29 -41.44
C GLU C 65 1.85 27.66 -41.01
N PRO C 66 0.78 28.08 -41.59
CA PRO C 66 0.44 29.52 -41.46
C PRO C 66 0.02 29.98 -40.09
N TYR C 67 -0.50 29.09 -39.26
CA TYR C 67 -0.96 29.49 -37.96
C TYR C 67 -0.33 28.77 -36.76
N LYS C 68 0.74 28.08 -37.10
CA LYS C 68 1.53 27.49 -36.01
C LYS C 68 2.13 28.55 -35.09
N ARG C 69 1.84 28.51 -33.82
CA ARG C 69 2.32 29.49 -32.88
C ARG C 69 2.64 28.81 -31.55
N TRP C 70 3.81 29.20 -31.02
CA TRP C 70 4.32 28.65 -29.75
C TRP C 70 4.05 29.69 -28.65
N TYR C 71 3.47 29.22 -27.55
CA TYR C 71 3.08 30.06 -26.45
C TYR C 71 3.82 29.67 -25.25
N ASP C 72 4.32 30.59 -24.45
CA ASP C 72 4.95 30.32 -23.20
C ASP C 72 3.77 30.05 -22.18
N VAL C 73 4.20 29.46 -21.02
CA VAL C 73 3.25 29.18 -19.94
CA VAL C 73 3.22 29.15 -19.90
C VAL C 73 3.54 30.06 -18.72
N GLN C 74 2.53 30.79 -18.27
CA GLN C 74 2.62 31.71 -17.01
C GLN C 74 2.19 31.03 -15.70
N SER C 75 1.38 29.97 -15.81
CA SER C 75 0.96 29.22 -14.65
C SER C 75 0.85 27.73 -15.01
N VAL C 76 1.32 26.86 -14.13
CA VAL C 76 1.29 25.45 -14.30
C VAL C 76 0.50 24.95 -13.08
N VAL C 77 -0.67 24.36 -13.29
CA VAL C 77 -1.55 24.01 -12.22
C VAL C 77 -1.97 22.54 -12.26
N PRO C 78 -1.12 21.67 -11.68
CA PRO C 78 -1.46 20.24 -11.56
C PRO C 78 -2.65 20.07 -10.68
N HIS C 79 -3.48 19.09 -10.95
CA HIS C 79 -4.56 18.80 -10.00
C HIS C 79 -3.91 18.51 -8.64
N PRO C 80 -4.49 18.96 -7.55
CA PRO C 80 -3.89 18.66 -6.25
C PRO C 80 -3.71 17.18 -5.91
N GLY C 81 -4.52 16.26 -6.46
CA GLY C 81 -4.35 14.88 -6.16
C GLY C 81 -3.39 14.15 -7.07
N SER C 82 -2.77 14.84 -8.03
CA SER C 82 -1.85 14.20 -8.96
CA SER C 82 -1.85 14.18 -8.94
C SER C 82 -0.48 13.86 -8.28
N ARG C 83 0.11 12.74 -8.67
CA ARG C 83 1.42 12.25 -8.14
C ARG C 83 2.10 11.47 -9.19
N PRO C 84 3.48 11.52 -9.22
CA PRO C 84 4.16 10.69 -10.17
C PRO C 84 3.84 9.18 -10.04
N ASP C 85 3.58 8.71 -8.84
CA ASP C 85 3.32 7.30 -8.64
C ASP C 85 1.89 6.86 -8.79
N SER C 86 1.04 7.74 -9.24
CA SER C 86 -0.43 7.43 -9.20
C SER C 86 -1.14 7.67 -10.54
N LEU C 87 -2.17 6.85 -10.87
CA LEU C 87 -2.96 7.02 -12.07
C LEU C 87 -4.00 8.05 -11.81
N GLU C 88 -4.28 8.38 -10.57
CA GLU C 88 -5.41 9.20 -10.27
C GLU C 88 -5.17 10.72 -10.42
N ASP C 89 -6.30 11.42 -10.71
CA ASP C 89 -6.30 12.85 -10.75
C ASP C 89 -5.22 13.39 -11.71
N ASP C 90 -4.99 12.75 -12.81
CA ASP C 90 -3.85 13.03 -13.74
C ASP C 90 -4.24 14.18 -14.74
N LEU C 91 -4.58 15.32 -14.18
CA LEU C 91 -4.90 16.51 -15.02
C LEU C 91 -4.00 17.57 -14.65
N ILE C 92 -3.77 18.49 -15.61
CA ILE C 92 -2.99 19.72 -15.44
C ILE C 92 -3.55 20.80 -16.35
N LEU C 93 -3.52 21.99 -15.82
CA LEU C 93 -3.94 23.24 -16.55
C LEU C 93 -2.78 24.12 -16.69
N PHE C 94 -2.55 24.52 -17.98
CA PHE C 94 -1.53 25.46 -18.33
C PHE C 94 -2.18 26.79 -18.68
N LYS C 95 -1.76 27.92 -18.09
CA LYS C 95 -2.23 29.20 -18.50
C LYS C 95 -1.17 29.85 -19.41
N LEU C 96 -1.59 30.14 -20.65
CA LEU C 96 -0.73 30.73 -21.60
C LEU C 96 -0.32 32.14 -21.19
N SER C 97 0.95 32.46 -21.45
CA SER C 97 1.46 33.83 -21.07
CA SER C 97 1.51 33.80 -21.14
C SER C 97 0.95 34.92 -21.93
N GLN C 98 0.51 34.63 -23.11
CA GLN C 98 -0.21 35.64 -23.89
C GLN C 98 -1.43 34.95 -24.50
N ASN C 99 -2.48 35.66 -24.76
CA ASN C 99 -3.71 35.09 -25.23
C ASN C 99 -3.55 34.48 -26.63
N ALA C 100 -4.14 33.29 -26.78
CA ALA C 100 -4.08 32.61 -28.06
C ALA C 100 -4.95 33.29 -29.11
N SER C 101 -4.37 33.50 -30.30
CA SER C 101 -5.11 34.00 -31.42
C SER C 101 -5.90 32.82 -31.99
N LEU C 102 -7.19 32.94 -32.12
CA LEU C 102 -8.08 31.92 -32.65
C LEU C 102 -8.31 32.08 -34.11
N GLY C 103 -8.57 31.12 -34.90
CA GLY C 103 -8.63 31.17 -36.32
C GLY C 103 -8.94 29.79 -36.85
N PRO C 104 -8.74 29.62 -38.19
CA PRO C 104 -9.25 28.42 -38.86
C PRO C 104 -8.53 27.19 -38.30
N HIS C 105 -7.30 27.38 -37.84
CA HIS C 105 -6.55 26.27 -37.32
C HIS C 105 -6.39 26.25 -35.78
N VAL C 106 -7.06 27.12 -35.04
CA VAL C 106 -6.83 27.21 -33.65
C VAL C 106 -8.15 27.49 -33.00
N ARG C 107 -8.85 26.59 -32.34
CA ARG C 107 -10.14 26.81 -31.80
C ARG C 107 -10.42 25.88 -30.62
N PRO C 108 -10.95 26.32 -29.59
CA PRO C 108 -11.26 25.40 -28.45
C PRO C 108 -12.34 24.47 -28.85
N LEU C 109 -12.40 23.33 -28.07
CA LEU C 109 -13.53 22.45 -28.14
C LEU C 109 -14.13 22.41 -26.77
N PRO C 110 -15.42 22.39 -26.59
CA PRO C 110 -15.97 22.28 -25.26
C PRO C 110 -15.60 20.94 -24.52
N LEU C 111 -15.58 21.07 -23.23
CA LEU C 111 -15.46 19.88 -22.37
C LEU C 111 -16.86 19.39 -22.01
N GLN C 112 -16.99 18.07 -21.89
CA GLN C 112 -18.21 17.49 -21.36
C GLN C 112 -18.32 17.87 -19.86
N TYR C 113 -19.42 18.52 -19.50
CA TYR C 113 -19.79 18.84 -18.12
C TYR C 113 -20.73 17.77 -17.51
N GLU C 114 -21.57 17.17 -18.36
CA GLU C 114 -22.56 16.18 -17.90
C GLU C 114 -21.90 14.87 -17.53
N ASP C 115 -22.23 14.37 -16.34
CA ASP C 115 -21.67 13.10 -15.85
C ASP C 115 -22.50 11.96 -16.40
N LYS C 116 -22.04 11.48 -17.55
CA LYS C 116 -22.84 10.53 -18.33
C LYS C 116 -21.84 9.58 -18.89
N GLU C 117 -21.99 8.32 -18.55
CA GLU C 117 -21.08 7.33 -19.10
C GLU C 117 -21.29 7.14 -20.60
N VAL C 118 -20.23 6.94 -21.31
CA VAL C 118 -20.28 6.68 -22.71
C VAL C 118 -20.53 5.21 -22.88
N GLU C 119 -21.47 4.78 -23.66
CA GLU C 119 -21.86 3.37 -23.83
C GLU C 119 -20.75 2.57 -24.50
N PRO C 120 -20.59 1.33 -24.02
CA PRO C 120 -19.58 0.51 -24.66
C PRO C 120 -19.90 0.35 -26.10
N GLY C 121 -18.81 0.26 -26.88
CA GLY C 121 -18.89 0.16 -28.35
C GLY C 121 -19.00 1.45 -29.09
N THR C 122 -19.26 2.51 -28.35
CA THR C 122 -19.25 3.84 -29.03
C THR C 122 -17.84 4.09 -29.52
N LEU C 123 -17.74 4.64 -30.73
CA LEU C 123 -16.48 5.02 -31.30
C LEU C 123 -16.17 6.50 -30.96
N CYS C 124 -15.08 6.76 -30.33
CA CYS C 124 -14.63 8.10 -30.01
C CYS C 124 -13.28 8.33 -30.70
N ASP C 125 -12.82 9.58 -30.74
CA ASP C 125 -11.65 9.94 -31.53
C ASP C 125 -10.54 10.36 -30.55
N VAL C 126 -9.32 9.88 -30.87
CA VAL C 126 -8.18 10.39 -30.16
C VAL C 126 -7.07 10.64 -31.17
N ALA C 127 -6.34 11.74 -31.04
CA ALA C 127 -5.29 12.16 -31.91
C ALA C 127 -4.07 12.60 -31.02
N GLY C 128 -2.90 12.37 -31.65
CA GLY C 128 -1.70 12.77 -30.96
C GLY C 128 -0.48 12.57 -31.79
N TRP C 129 0.62 13.06 -31.21
CA TRP C 129 1.93 12.97 -31.80
C TRP C 129 2.84 11.92 -31.08
N GLY C 130 2.18 11.01 -30.37
CA GLY C 130 2.93 9.91 -29.73
C GLY C 130 3.43 8.93 -30.72
N VAL C 131 4.26 8.01 -30.22
CA VAL C 131 4.90 7.08 -31.08
C VAL C 131 3.95 6.26 -31.92
N VAL C 132 4.40 5.96 -33.10
CA VAL C 132 3.57 5.26 -34.11
C VAL C 132 4.09 3.84 -34.41
N THR C 133 5.17 3.45 -33.79
CA THR C 133 5.66 2.07 -33.86
C THR C 133 6.14 1.65 -32.46
N HIS C 134 6.19 0.30 -32.23
CA HIS C 134 6.80 -0.21 -31.06
C HIS C 134 8.25 0.23 -30.81
N ALA C 135 9.01 0.31 -31.88
CA ALA C 135 10.40 0.65 -31.78
C ALA C 135 10.60 2.14 -31.44
N GLY C 136 9.54 2.93 -31.42
CA GLY C 136 9.58 4.31 -30.93
C GLY C 136 9.56 5.39 -31.96
N ARG C 137 9.09 5.13 -33.22
CA ARG C 137 9.11 6.19 -34.19
C ARG C 137 8.22 7.33 -33.83
N ARG C 138 8.79 8.51 -33.77
CA ARG C 138 7.98 9.63 -33.50
C ARG C 138 7.49 10.23 -34.86
N PRO C 139 6.17 10.40 -35.00
CA PRO C 139 5.74 11.04 -36.19
C PRO C 139 5.97 12.54 -36.24
N ASP C 140 6.19 13.07 -37.40
CA ASP C 140 6.25 14.52 -37.62
C ASP C 140 4.81 15.12 -37.60
N VAL C 141 3.82 14.40 -38.02
CA VAL C 141 2.50 14.89 -38.14
C VAL C 141 1.47 14.22 -37.24
N LEU C 142 0.44 14.89 -36.92
CA LEU C 142 -0.62 14.39 -36.02
C LEU C 142 -1.23 13.14 -36.61
N HIS C 143 -1.37 12.08 -35.76
CA HIS C 143 -2.09 10.89 -36.10
C HIS C 143 -3.40 10.84 -35.31
N GLN C 144 -4.31 9.99 -35.80
CA GLN C 144 -5.59 9.81 -35.20
C GLN C 144 -6.02 8.36 -35.25
N LEU C 145 -6.89 7.99 -34.30
CA LEU C 145 -7.54 6.71 -34.29
C LEU C 145 -8.89 6.78 -33.68
N ARG C 146 -9.84 6.01 -34.22
CA ARG C 146 -11.14 5.82 -33.58
C ARG C 146 -11.06 4.58 -32.65
N VAL C 147 -11.46 4.83 -31.45
CA VAL C 147 -11.41 3.78 -30.39
C VAL C 147 -12.74 3.50 -29.83
N SER C 148 -12.92 2.20 -29.53
CA SER C 148 -14.15 1.69 -29.04
C SER C 148 -14.25 1.74 -27.56
N ILE C 149 -15.18 2.36 -26.93
CA ILE C 149 -15.25 2.45 -25.50
C ILE C 149 -15.61 1.04 -24.92
N MET C 150 -14.99 0.89 -23.72
CA MET C 150 -15.19 -0.33 -22.82
C MET C 150 -15.78 0.17 -21.52
N ASN C 151 -16.85 -0.44 -20.96
CA ASN C 151 -17.39 0.01 -19.75
C ASN C 151 -16.43 -0.26 -18.58
N ARG C 152 -16.64 0.44 -17.51
CA ARG C 152 -15.80 0.29 -16.39
C ARG C 152 -15.78 -1.12 -15.76
N THR C 153 -16.97 -1.74 -15.71
CA THR C 153 -17.04 -3.05 -15.06
CA THR C 153 -17.05 -3.08 -15.11
C THR C 153 -16.18 -4.01 -15.88
N THR C 154 -16.10 -3.96 -17.18
CA THR C 154 -15.27 -4.75 -17.99
C THR C 154 -13.83 -4.40 -17.80
N CYS C 155 -13.48 -3.09 -17.86
CA CYS C 155 -12.14 -2.71 -17.69
CA CYS C 155 -12.06 -2.81 -17.77
C CYS C 155 -11.47 -3.09 -16.33
N ASN C 156 -12.31 -3.12 -15.36
CA ASN C 156 -11.82 -3.49 -14.02
C ASN C 156 -11.78 -5.01 -13.67
N LEU C 157 -12.12 -5.84 -14.61
CA LEU C 157 -12.06 -7.29 -14.35
C LEU C 157 -10.60 -7.58 -14.15
N ARG C 158 -10.41 -8.77 -13.46
CA ARG C 158 -9.05 -9.23 -13.14
C ARG C 158 -8.25 -9.46 -14.38
N THR C 159 -8.88 -9.85 -15.49
CA THR C 159 -8.14 -10.09 -16.67
C THR C 159 -7.72 -8.83 -17.48
N TYR C 160 -8.24 -7.71 -17.07
CA TYR C 160 -7.91 -6.40 -17.67
C TYR C 160 -7.19 -5.62 -16.63
N HIS C 161 -7.71 -4.51 -16.07
CA HIS C 161 -7.01 -3.65 -15.17
C HIS C 161 -7.21 -3.92 -13.66
N ASP C 162 -8.04 -4.91 -13.39
CA ASP C 162 -8.06 -5.47 -12.00
C ASP C 162 -8.30 -4.46 -10.93
N GLY C 163 -9.35 -3.62 -11.11
CA GLY C 163 -9.91 -2.79 -10.06
C GLY C 163 -9.36 -1.36 -9.99
N VAL C 164 -8.29 -1.02 -10.75
CA VAL C 164 -7.67 0.33 -10.63
C VAL C 164 -8.40 1.45 -11.35
N VAL C 165 -9.40 1.14 -12.15
CA VAL C 165 -10.05 2.16 -12.93
C VAL C 165 -11.16 2.74 -12.08
N THR C 166 -10.99 4.02 -11.66
CA THR C 166 -11.94 4.62 -10.78
C THR C 166 -13.13 5.27 -11.56
N ILE C 167 -14.12 5.72 -10.79
CA ILE C 167 -15.30 6.41 -11.33
C ILE C 167 -14.91 7.67 -12.15
N ASN C 168 -13.69 8.14 -11.95
CA ASN C 168 -13.24 9.36 -12.62
C ASN C 168 -12.42 9.00 -13.88
N MET C 169 -12.51 7.78 -14.33
CA MET C 169 -11.75 7.27 -15.44
C MET C 169 -12.64 6.47 -16.36
N MET C 170 -12.18 6.30 -17.58
CA MET C 170 -12.89 5.52 -18.61
C MET C 170 -11.87 4.79 -19.45
N CYS C 171 -12.35 3.75 -20.12
CA CYS C 171 -11.48 2.92 -20.91
C CYS C 171 -11.86 2.76 -22.36
N ALA C 172 -10.91 2.38 -23.18
CA ALA C 172 -11.17 2.02 -24.58
C ALA C 172 -10.35 0.78 -25.00
N GLU C 173 -10.81 0.09 -25.97
CA GLU C 173 -10.15 -1.13 -26.47
C GLU C 173 -8.76 -0.76 -27.06
N SER C 174 -7.85 -1.71 -26.95
CA SER C 174 -6.39 -1.52 -27.17
C SER C 174 -5.76 -2.62 -27.97
N ASN C 175 -6.55 -3.45 -28.64
CA ASN C 175 -5.97 -4.56 -29.37
C ASN C 175 -5.28 -4.07 -30.66
N ARG C 176 -3.96 -4.00 -30.65
CA ARG C 176 -3.03 -3.74 -31.76
C ARG C 176 -3.00 -2.23 -32.02
N ARG C 177 -4.16 -1.57 -32.17
CA ARG C 177 -4.28 -0.16 -32.39
C ARG C 177 -4.53 0.47 -31.02
N ASP C 178 -3.79 1.52 -30.67
CA ASP C 178 -3.81 2.08 -29.32
C ASP C 178 -3.12 3.48 -29.25
N THR C 179 -3.36 4.14 -28.14
CA THR C 179 -2.51 5.29 -27.77
C THR C 179 -1.15 4.74 -27.19
N CYS C 180 -0.11 5.57 -27.26
CA CYS C 180 1.20 5.14 -26.77
C CYS C 180 1.98 6.38 -26.30
N ARG C 181 3.27 6.13 -26.02
CA ARG C 181 4.03 7.20 -25.42
C ARG C 181 4.03 8.47 -26.24
N GLY C 182 3.77 9.59 -25.53
CA GLY C 182 3.62 10.84 -26.19
C GLY C 182 2.18 11.25 -26.55
N ASP C 183 1.27 10.35 -26.39
CA ASP C 183 -0.20 10.63 -26.51
C ASP C 183 -0.82 11.03 -25.23
N SER C 184 -0.11 10.91 -24.07
N SER C 184 -0.12 10.88 -24.10
CA SER C 184 -0.63 11.35 -22.80
CA SER C 184 -0.60 11.31 -22.85
C SER C 184 -1.07 12.83 -22.96
C SER C 184 -1.06 12.83 -22.95
N GLY C 185 -2.14 13.19 -22.28
CA GLY C 185 -2.58 14.53 -22.35
C GLY C 185 -3.52 14.80 -23.55
N SER C 186 -3.45 14.02 -24.62
N SER C 186 -3.50 14.00 -24.60
CA SER C 186 -4.35 14.26 -25.77
CA SER C 186 -4.43 14.25 -25.71
C SER C 186 -5.79 13.98 -25.30
C SER C 186 -5.80 14.03 -25.21
N PRO C 187 -6.77 14.75 -25.83
CA PRO C 187 -8.18 14.57 -25.55
C PRO C 187 -8.79 13.35 -26.28
N LEU C 188 -9.71 12.70 -25.61
CA LEU C 188 -10.62 11.79 -26.19
C LEU C 188 -11.96 12.53 -26.43
N VAL C 189 -12.29 12.51 -27.73
CA VAL C 189 -13.50 13.33 -28.14
C VAL C 189 -14.60 12.34 -28.49
N CYS C 190 -15.72 12.49 -27.76
CA CYS C 190 -16.88 11.65 -28.03
C CYS C 190 -18.01 12.65 -28.38
N GLY C 191 -18.58 12.48 -29.54
CA GLY C 191 -19.63 13.42 -29.89
C GLY C 191 -18.97 14.80 -30.14
N ASP C 192 -19.59 15.85 -29.59
CA ASP C 192 -19.16 17.18 -29.79
C ASP C 192 -18.24 17.78 -28.81
N ALA C 193 -17.70 16.91 -27.90
CA ALA C 193 -17.02 17.44 -26.76
C ALA C 193 -15.84 16.52 -26.34
N VAL C 194 -14.94 17.15 -25.64
CA VAL C 194 -13.91 16.36 -24.96
C VAL C 194 -14.59 15.59 -23.81
N GLU C 195 -14.39 14.24 -23.90
CA GLU C 195 -14.87 13.40 -22.81
C GLU C 195 -13.73 12.96 -21.82
N GLY C 196 -12.55 12.80 -22.35
CA GLY C 196 -11.47 12.26 -21.55
C GLY C 196 -10.17 12.85 -21.95
N VAL C 197 -9.10 12.53 -21.06
CA VAL C 197 -7.74 12.93 -21.37
C VAL C 197 -6.87 11.67 -21.21
N VAL C 198 -6.07 11.39 -22.19
CA VAL C 198 -5.17 10.13 -22.06
C VAL C 198 -4.34 10.25 -20.83
N THR C 199 -4.35 9.06 -20.11
CA THR C 199 -3.43 8.88 -18.94
C THR C 199 -2.63 7.63 -19.18
N TRP C 200 -1.78 7.26 -18.18
CA TRP C 200 -1.05 6.00 -18.06
C TRP C 200 -0.07 5.93 -19.21
N GLY C 201 0.84 6.94 -19.26
CA GLY C 201 1.77 7.01 -20.42
C GLY C 201 2.73 5.84 -20.65
N SER C 202 3.04 5.20 -19.50
CA SER C 202 3.93 3.98 -19.38
C SER C 202 3.32 2.59 -19.72
N ARG C 203 1.96 2.63 -19.71
CA ARG C 203 1.20 1.50 -20.08
C ARG C 203 1.73 0.91 -21.39
N VAL C 204 1.75 -0.40 -21.44
CA VAL C 204 2.08 -1.07 -22.62
C VAL C 204 1.09 -0.66 -23.65
N CYS C 205 1.56 -0.71 -24.87
CA CYS C 205 0.72 -0.34 -25.96
C CYS C 205 0.26 -1.51 -26.79
N GLY C 206 -1.02 -1.52 -27.19
CA GLY C 206 -1.45 -2.49 -28.23
C GLY C 206 -1.78 -3.85 -27.70
N ASN C 207 -1.79 -4.01 -26.37
CA ASN C 207 -2.18 -5.24 -25.72
C ASN C 207 -3.67 -5.14 -25.37
N GLY C 208 -4.50 -5.96 -26.04
CA GLY C 208 -5.99 -5.84 -25.84
C GLY C 208 -6.37 -6.14 -24.38
N LYS C 209 -5.49 -6.86 -23.65
CA LYS C 209 -5.87 -7.12 -22.21
C LYS C 209 -5.38 -6.00 -21.27
N LYS C 210 -4.87 -4.88 -21.83
CA LYS C 210 -4.48 -3.71 -21.04
C LYS C 210 -5.08 -2.50 -21.77
N PRO C 211 -6.37 -2.33 -21.57
CA PRO C 211 -7.12 -1.22 -22.26
C PRO C 211 -6.53 0.13 -21.98
N GLY C 212 -6.78 1.03 -22.99
CA GLY C 212 -6.41 2.47 -22.78
C GLY C 212 -7.23 3.06 -21.69
N VAL C 213 -6.65 3.91 -20.89
CA VAL C 213 -7.29 4.57 -19.82
C VAL C 213 -7.25 6.09 -20.05
N TYR C 214 -8.41 6.70 -19.69
CA TYR C 214 -8.55 8.17 -19.89
C TYR C 214 -9.16 8.73 -18.66
N THR C 215 -8.70 9.96 -18.26
CA THR C 215 -9.37 10.63 -17.18
C THR C 215 -10.68 11.34 -17.64
N ARG C 216 -11.74 11.20 -16.96
CA ARG C 216 -13.03 11.77 -17.42
C ARG C 216 -12.99 13.21 -16.99
N VAL C 217 -13.22 14.15 -17.97
CA VAL C 217 -13.25 15.58 -17.65
C VAL C 217 -14.47 15.96 -16.89
N SER C 218 -15.62 15.31 -17.10
CA SER C 218 -16.77 15.70 -16.28
C SER C 218 -16.58 15.55 -14.76
N SER C 219 -15.75 14.54 -14.39
CA SER C 219 -15.46 14.31 -12.99
C SER C 219 -14.73 15.42 -12.30
N TYR C 220 -14.09 16.24 -13.15
CA TYR C 220 -13.25 17.38 -12.69
C TYR C 220 -13.76 18.73 -13.02
N ARG C 221 -15.08 18.76 -13.34
CA ARG C 221 -15.69 19.97 -13.81
C ARG C 221 -15.54 21.10 -12.77
N MET C 222 -15.66 20.77 -11.48
CA MET C 222 -15.55 21.85 -10.44
CA MET C 222 -15.56 21.86 -10.45
C MET C 222 -14.18 22.48 -10.40
N TRP C 223 -13.14 21.61 -10.35
CA TRP C 223 -11.82 22.09 -10.36
C TRP C 223 -11.54 22.90 -11.63
N ILE C 224 -11.91 22.37 -12.76
CA ILE C 224 -11.59 23.08 -13.99
C ILE C 224 -12.27 24.47 -14.02
N GLU C 225 -13.54 24.52 -13.59
CA GLU C 225 -14.27 25.77 -13.53
C GLU C 225 -13.56 26.70 -12.61
N ASN C 226 -13.18 26.23 -11.45
CA ASN C 226 -12.68 27.19 -10.45
CA ASN C 226 -12.58 27.10 -10.45
C ASN C 226 -11.27 27.70 -10.88
N ILE C 227 -10.44 26.87 -11.50
CA ILE C 227 -9.13 27.33 -11.91
C ILE C 227 -9.22 28.23 -13.08
N THR C 228 -10.05 27.89 -14.03
CA THR C 228 -10.15 28.66 -15.28
C THR C 228 -11.18 29.83 -15.20
N ASN C 229 -11.89 30.01 -14.06
CA ASN C 229 -12.86 31.17 -13.90
C ASN C 229 -12.19 32.47 -14.16
N ILE D 1 23.14 -31.21 -3.95
CA ILE D 1 22.04 -32.13 -4.35
C ILE D 1 22.62 -33.23 -5.26
N LEU D 2 22.47 -34.45 -4.80
CA LEU D 2 22.74 -35.64 -5.69
C LEU D 2 21.53 -36.08 -6.46
N GLY D 3 21.68 -36.27 -7.79
CA GLY D 3 20.55 -36.77 -8.62
C GLY D 3 19.41 -35.84 -8.95
N GLY D 4 19.63 -34.57 -8.72
CA GLY D 4 18.75 -33.52 -9.20
C GLY D 4 19.30 -32.95 -10.48
N GLN D 5 19.09 -31.72 -10.66
CA GLN D 5 19.43 -31.11 -11.87
C GLN D 5 19.52 -29.60 -11.67
N GLU D 6 20.10 -28.97 -12.62
CA GLU D 6 20.20 -27.51 -12.64
CA GLU D 6 20.21 -27.51 -12.63
C GLU D 6 18.83 -26.88 -12.56
N ALA D 7 18.61 -25.97 -11.62
CA ALA D 7 17.36 -25.22 -11.51
C ALA D 7 17.27 -24.16 -12.59
N ALA D 8 16.02 -23.75 -12.86
CA ALA D 8 15.77 -22.55 -13.65
C ALA D 8 16.38 -21.31 -12.95
N ALA D 9 17.12 -20.51 -13.72
CA ALA D 9 17.79 -19.38 -13.11
C ALA D 9 16.82 -18.46 -12.45
N HIS D 10 17.04 -18.06 -11.23
CA HIS D 10 16.24 -17.10 -10.49
C HIS D 10 14.83 -17.48 -10.30
N ALA D 11 14.43 -18.72 -10.51
CA ALA D 11 13.07 -19.06 -10.32
C ALA D 11 12.67 -19.23 -8.84
N ARG D 12 13.74 -19.24 -7.96
CA ARG D 12 13.51 -19.39 -6.47
C ARG D 12 14.21 -18.24 -5.83
N PRO D 13 13.67 -16.99 -5.95
CA PRO D 13 14.43 -15.78 -5.66
C PRO D 13 14.61 -15.47 -4.15
N TYR D 14 14.04 -16.43 -3.35
CA TYR D 14 14.25 -16.45 -1.92
C TYR D 14 15.61 -17.15 -1.55
N MET D 15 16.20 -17.77 -2.47
CA MET D 15 17.43 -18.63 -2.07
C MET D 15 18.49 -17.74 -1.82
N ALA D 16 19.25 -18.09 -0.71
CA ALA D 16 20.47 -17.44 -0.30
C ALA D 16 21.68 -18.40 -0.25
N SER D 17 22.83 -17.99 -0.62
CA SER D 17 24.08 -18.80 -0.39
C SER D 17 24.77 -18.12 0.75
N VAL D 18 24.90 -18.86 1.91
CA VAL D 18 25.68 -18.48 3.09
C VAL D 18 27.15 -18.85 2.85
N GLN D 19 28.03 -17.89 2.93
CA GLN D 19 29.40 -18.04 2.52
C GLN D 19 30.36 -17.70 3.61
N VAL D 20 31.44 -18.48 3.69
CA VAL D 20 32.53 -18.24 4.67
C VAL D 20 33.78 -18.01 3.87
N ASN D 21 34.41 -16.85 4.09
CA ASN D 21 35.60 -16.46 3.36
C ASN D 21 35.50 -16.66 1.85
N GLY D 22 34.32 -16.34 1.36
CA GLY D 22 34.11 -16.26 -0.05
C GLY D 22 33.61 -17.52 -0.69
N THR D 23 33.40 -18.57 0.10
CA THR D 23 32.96 -19.80 -0.50
C THR D 23 31.66 -20.27 0.18
N HIS D 24 30.79 -20.70 -0.66
CA HIS D 24 29.48 -21.27 -0.26
C HIS D 24 29.72 -22.40 0.79
N VAL D 25 28.99 -22.28 1.87
CA VAL D 25 28.91 -23.32 2.87
C VAL D 25 27.59 -23.93 3.07
N CYS D 26 26.47 -23.13 2.89
CA CYS D 26 25.18 -23.57 3.19
C CYS D 26 24.11 -22.77 2.41
N GLY D 27 22.97 -23.34 2.27
CA GLY D 27 21.80 -22.51 1.78
C GLY D 27 21.25 -21.84 2.88
N GLY D 28 20.27 -20.90 2.45
CA GLY D 28 19.47 -20.17 3.40
C GLY D 28 18.24 -19.52 2.60
N THR D 29 17.39 -18.92 3.36
CA THR D 29 16.14 -18.35 2.76
CA THR D 29 16.16 -18.30 2.74
C THR D 29 16.07 -16.96 3.33
N LEU D 30 15.68 -16.04 2.34
CA LEU D 30 15.51 -14.63 2.69
C LEU D 30 14.13 -14.41 3.32
N LEU D 31 14.07 -13.91 4.51
CA LEU D 31 12.82 -13.67 5.19
C LEU D 31 12.23 -12.29 4.93
N ASP D 32 13.06 -11.28 4.83
CA ASP D 32 12.63 -9.87 4.63
C ASP D 32 13.87 -9.13 4.15
N GLU D 33 13.91 -7.81 4.21
CA GLU D 33 15.05 -7.09 3.73
C GLU D 33 16.26 -7.23 4.56
N GLN D 34 16.12 -7.75 5.79
CA GLN D 34 17.30 -7.78 6.75
C GLN D 34 17.68 -9.14 7.24
N TRP D 35 16.78 -10.14 7.15
CA TRP D 35 17.06 -11.43 7.86
C TRP D 35 17.01 -12.55 6.91
N VAL D 36 18.00 -13.51 7.15
CA VAL D 36 18.12 -14.78 6.42
C VAL D 36 18.08 -15.98 7.41
N LEU D 37 17.30 -16.93 7.13
CA LEU D 37 17.24 -18.19 7.96
C LEU D 37 18.02 -19.26 7.27
N SER D 38 18.83 -19.94 8.18
CA SER D 38 19.64 -21.06 7.73
C SER D 38 19.67 -22.10 8.91
N ALA D 39 20.70 -23.00 8.75
CA ALA D 39 20.95 -24.02 9.81
C ALA D 39 22.16 -23.57 10.63
N ALA D 40 21.95 -23.76 11.94
CA ALA D 40 22.99 -23.37 12.93
C ALA D 40 24.35 -24.10 12.79
N HIS D 41 24.30 -25.35 12.29
CA HIS D 41 25.57 -26.02 12.14
CA HIS D 41 25.55 -26.06 12.06
C HIS D 41 26.45 -25.40 11.08
N CYS D 42 25.84 -24.54 10.21
CA CYS D 42 26.60 -23.82 9.26
C CYS D 42 27.71 -22.93 9.81
N MET D 43 27.53 -22.51 11.07
CA MET D 43 28.53 -21.68 11.71
C MET D 43 29.49 -22.43 12.65
N ASP D 44 29.38 -23.76 12.67
CA ASP D 44 30.21 -24.55 13.55
C ASP D 44 31.63 -24.32 13.01
N GLY D 45 32.56 -24.05 13.95
CA GLY D 45 34.00 -23.87 13.54
C GLY D 45 34.35 -22.52 12.87
N VAL D 46 33.39 -21.61 12.68
CA VAL D 46 33.74 -20.26 12.16
C VAL D 46 34.43 -19.45 13.21
N THR D 47 35.66 -19.17 12.90
CA THR D 47 36.55 -18.57 13.85
C THR D 47 36.41 -17.02 13.74
N ASP D 48 37.03 -16.35 14.70
CA ASP D 48 37.00 -14.93 14.69
C ASP D 48 37.77 -14.31 13.51
N ASP D 49 38.68 -15.05 12.92
CA ASP D 49 39.34 -14.60 11.71
C ASP D 49 38.49 -14.76 10.41
N ASP D 50 37.38 -15.51 10.44
CA ASP D 50 36.59 -15.76 9.27
C ASP D 50 35.54 -14.70 9.05
N SER D 51 35.17 -14.53 7.77
CA SER D 51 34.16 -13.58 7.31
C SER D 51 32.90 -14.32 6.75
N VAL D 52 31.76 -13.99 7.26
CA VAL D 52 30.51 -14.58 6.78
C VAL D 52 29.71 -13.57 5.96
N GLN D 53 29.29 -13.99 4.79
CA GLN D 53 28.43 -13.17 3.91
C GLN D 53 27.30 -13.97 3.41
N VAL D 54 26.26 -13.27 2.96
CA VAL D 54 25.12 -13.91 2.30
C VAL D 54 25.01 -13.42 0.84
N LEU D 55 24.97 -14.26 -0.11
CA LEU D 55 24.81 -13.95 -1.50
C LEU D 55 23.37 -14.16 -1.89
N LEU D 56 22.71 -13.05 -2.36
CA LEU D 56 21.34 -13.06 -2.82
C LEU D 56 21.29 -12.75 -4.35
N GLY D 57 20.25 -13.22 -4.94
CA GLY D 57 20.02 -12.94 -6.38
C GLY D 57 20.77 -13.80 -7.33
N ALA D 58 21.32 -14.98 -6.77
CA ALA D 58 22.22 -15.75 -7.55
C ALA D 58 21.62 -16.99 -8.22
N HIS D 59 22.20 -17.29 -9.38
CA HIS D 59 22.10 -18.63 -9.95
C HIS D 59 23.45 -19.18 -9.97
N SER D 60 24.39 -18.71 -10.66
CA SER D 60 25.80 -19.01 -10.61
C SER D 60 26.46 -18.39 -9.42
N LEU D 61 27.35 -19.14 -8.75
CA LEU D 61 28.16 -18.62 -7.72
C LEU D 61 29.30 -17.80 -8.22
N SER D 62 29.67 -17.91 -9.50
CA SER D 62 30.87 -17.27 -10.06
C SER D 62 30.64 -16.32 -11.18
N ALA D 63 29.51 -16.38 -11.91
CA ALA D 63 29.37 -15.57 -13.12
C ALA D 63 28.59 -14.31 -12.83
N PRO D 64 28.86 -13.28 -13.57
CA PRO D 64 28.11 -12.08 -13.34
C PRO D 64 26.60 -12.14 -13.69
N GLU D 65 25.76 -11.67 -12.76
CA GLU D 65 24.34 -11.63 -12.94
C GLU D 65 23.88 -10.28 -12.35
N PRO D 66 22.79 -9.73 -12.96
CA PRO D 66 22.47 -8.30 -12.68
C PRO D 66 22.04 -8.02 -11.31
N TYR D 67 21.52 -9.01 -10.54
CA TYR D 67 20.99 -8.70 -9.26
C TYR D 67 21.74 -9.57 -8.13
N LYS D 68 22.85 -10.13 -8.52
CA LYS D 68 23.71 -10.81 -7.53
C LYS D 68 24.26 -9.76 -6.64
N ARG D 69 24.15 -9.96 -5.31
CA ARG D 69 24.66 -9.07 -4.27
C ARG D 69 25.12 -9.84 -3.06
N TRP D 70 26.29 -9.47 -2.58
CA TRP D 70 26.86 -10.04 -1.39
C TRP D 70 26.59 -9.08 -0.26
N TYR D 71 26.08 -9.56 0.84
CA TYR D 71 25.79 -8.81 2.01
C TYR D 71 26.63 -9.26 3.16
N ASP D 72 27.15 -8.34 3.90
CA ASP D 72 27.82 -8.66 5.14
C ASP D 72 26.72 -8.80 6.19
N VAL D 73 27.18 -9.49 7.30
CA VAL D 73 26.36 -9.89 8.38
C VAL D 73 26.69 -9.14 9.63
N GLN D 74 25.69 -8.45 10.22
CA GLN D 74 25.85 -7.72 11.44
C GLN D 74 25.49 -8.51 12.72
N SER D 75 24.68 -9.49 12.60
CA SER D 75 24.29 -10.30 13.73
C SER D 75 24.20 -11.78 13.36
N VAL D 76 24.64 -12.69 14.20
CA VAL D 76 24.55 -14.10 14.04
C VAL D 76 23.78 -14.67 15.20
N VAL D 77 22.58 -15.16 15.00
CA VAL D 77 21.72 -15.54 16.08
C VAL D 77 21.31 -16.99 16.00
N PRO D 78 22.13 -17.95 16.55
CA PRO D 78 21.71 -19.35 16.55
C PRO D 78 20.55 -19.59 17.47
N HIS D 79 19.73 -20.58 17.16
CA HIS D 79 18.62 -20.89 18.08
C HIS D 79 19.33 -21.28 19.44
N PRO D 80 18.78 -20.91 20.54
CA PRO D 80 19.43 -21.20 21.85
C PRO D 80 19.57 -22.62 22.05
N GLY D 81 18.80 -23.54 21.54
CA GLY D 81 19.02 -24.97 21.78
C GLY D 81 19.96 -25.65 20.84
N SER D 82 20.52 -24.94 19.85
CA SER D 82 21.39 -25.58 18.90
CA SER D 82 21.39 -25.49 18.91
C SER D 82 22.72 -25.97 19.57
N ARG D 83 23.28 -27.06 19.01
CA ARG D 83 24.62 -27.56 19.55
C ARG D 83 25.23 -28.26 18.43
N PRO D 84 26.60 -28.29 18.40
CA PRO D 84 27.30 -29.12 17.41
C PRO D 84 27.00 -30.59 17.42
N ASP D 85 26.77 -31.16 18.57
CA ASP D 85 26.55 -32.58 18.72
C ASP D 85 25.13 -33.03 18.56
N SER D 86 24.21 -32.12 18.16
CA SER D 86 22.78 -32.44 18.15
C SER D 86 22.11 -32.06 16.81
N LEU D 87 21.11 -32.82 16.37
CA LEU D 87 20.26 -32.46 15.33
C LEU D 87 19.19 -31.46 15.70
N GLU D 88 18.90 -31.27 16.98
CA GLU D 88 17.77 -30.50 17.43
C GLU D 88 18.05 -28.97 17.34
N ASP D 89 16.94 -28.27 17.09
CA ASP D 89 16.94 -26.79 17.10
C ASP D 89 17.97 -26.21 16.16
N ASP D 90 18.16 -26.81 15.03
CA ASP D 90 19.29 -26.47 14.16
C ASP D 90 18.93 -25.29 13.15
N LEU D 91 18.62 -24.19 13.78
CA LEU D 91 18.23 -22.99 12.96
C LEU D 91 19.12 -21.88 13.40
N ILE D 92 19.35 -20.90 12.47
CA ILE D 92 20.12 -19.73 12.74
C ILE D 92 19.54 -18.58 11.90
N LEU D 93 19.61 -17.42 12.49
CA LEU D 93 19.19 -16.15 11.78
C LEU D 93 20.37 -15.27 11.68
N PHE D 94 20.58 -14.76 10.43
CA PHE D 94 21.61 -13.79 10.12
C PHE D 94 20.93 -12.41 9.84
N LYS D 95 21.39 -11.40 10.46
CA LYS D 95 20.93 -10.05 10.17
C LYS D 95 21.94 -9.38 9.25
N LEU D 96 21.47 -8.97 8.05
CA LEU D 96 22.38 -8.32 7.13
C LEU D 96 22.77 -6.90 7.65
N SER D 97 23.93 -6.47 7.24
CA SER D 97 24.40 -5.14 7.70
C SER D 97 23.80 -3.92 6.99
N GLN D 98 23.03 -4.20 5.96
CA GLN D 98 22.27 -3.17 5.26
C GLN D 98 21.09 -3.85 4.71
N ASN D 99 20.07 -3.07 4.30
CA ASN D 99 18.93 -3.66 3.73
C ASN D 99 19.12 -4.20 2.35
N ALA D 100 18.68 -5.43 2.10
CA ALA D 100 18.79 -6.02 0.82
C ALA D 100 17.83 -5.34 -0.17
N SER D 101 18.33 -5.19 -1.37
CA SER D 101 17.51 -4.66 -2.47
C SER D 101 16.58 -5.73 -3.01
N LEU D 102 15.29 -5.57 -2.93
CA LEU D 102 14.33 -6.58 -3.41
C LEU D 102 13.96 -6.33 -4.84
N GLY D 103 13.68 -7.34 -5.62
CA GLY D 103 13.33 -7.25 -7.04
C GLY D 103 13.01 -8.61 -7.60
N PRO D 104 13.04 -8.74 -8.89
CA PRO D 104 12.57 -9.96 -9.44
C PRO D 104 13.46 -11.24 -9.04
N HIS D 105 14.73 -10.98 -8.84
CA HIS D 105 15.66 -12.07 -8.46
C HIS D 105 15.84 -12.14 -7.00
N VAL D 106 15.29 -11.34 -6.17
CA VAL D 106 15.55 -11.24 -4.76
C VAL D 106 14.28 -11.00 -4.01
N ARG D 107 13.54 -12.00 -3.55
CA ARG D 107 12.23 -11.86 -3.03
C ARG D 107 11.99 -12.86 -1.89
N PRO D 108 11.63 -12.43 -0.76
CA PRO D 108 11.33 -13.43 0.32
C PRO D 108 10.23 -14.33 0.01
N LEU D 109 10.24 -15.53 0.62
CA LEU D 109 9.12 -16.45 0.55
C LEU D 109 8.60 -16.56 2.00
N PRO D 110 7.25 -16.55 2.18
CA PRO D 110 6.79 -16.77 3.53
C PRO D 110 7.16 -18.09 4.13
N LEU D 111 7.35 -18.10 5.46
CA LEU D 111 7.49 -19.27 6.25
C LEU D 111 6.13 -19.83 6.64
N GLN D 112 6.03 -21.15 6.71
CA GLN D 112 4.78 -21.74 7.26
C GLN D 112 4.69 -21.46 8.79
N TYR D 113 3.55 -20.89 9.19
CA TYR D 113 3.26 -20.62 10.56
C TYR D 113 2.30 -21.68 11.17
N GLU D 114 1.48 -22.28 10.33
CA GLU D 114 0.48 -23.25 10.79
C GLU D 114 1.23 -24.57 11.12
N ASP D 115 0.94 -25.11 12.29
CA ASP D 115 1.55 -26.39 12.71
C ASP D 115 0.70 -27.54 12.19
N LYS D 116 1.09 -28.05 11.06
CA LYS D 116 0.33 -29.05 10.33
C LYS D 116 1.34 -29.99 9.66
N GLU D 117 1.14 -31.25 9.85
CA GLU D 117 2.02 -32.27 9.24
C GLU D 117 1.76 -32.39 7.75
N VAL D 118 2.83 -32.52 7.01
CA VAL D 118 2.76 -32.73 5.54
C VAL D 118 2.66 -34.27 5.33
N GLU D 119 1.66 -34.74 4.60
CA GLU D 119 1.33 -36.15 4.41
C GLU D 119 2.44 -36.89 3.66
N PRO D 120 2.69 -38.15 4.05
CA PRO D 120 3.67 -38.89 3.33
C PRO D 120 3.26 -38.96 1.89
N GLY D 121 4.25 -38.87 1.00
CA GLY D 121 4.08 -38.95 -0.46
C GLY D 121 3.91 -37.63 -1.09
N THR D 122 3.78 -36.59 -0.26
CA THR D 122 3.66 -35.21 -0.80
C THR D 122 5.03 -34.84 -1.41
N LEU D 123 5.01 -34.24 -2.55
CA LEU D 123 6.26 -33.73 -3.22
C LEU D 123 6.54 -32.28 -2.84
N CYS D 124 7.69 -32.05 -2.29
CA CYS D 124 8.14 -30.69 -1.98
C CYS D 124 9.42 -30.46 -2.77
N ASP D 125 9.92 -29.23 -2.72
CA ASP D 125 11.07 -28.80 -3.48
C ASP D 125 12.22 -28.37 -2.56
N VAL D 126 13.42 -28.78 -2.97
CA VAL D 126 14.58 -28.31 -2.27
C VAL D 126 15.61 -27.95 -3.34
N ALA D 127 16.31 -26.84 -3.11
CA ALA D 127 17.33 -26.39 -4.01
C ALA D 127 18.58 -25.98 -3.16
N GLY D 128 19.72 -26.15 -3.82
CA GLY D 128 20.99 -25.77 -3.15
C GLY D 128 22.12 -25.89 -4.08
N TRP D 129 23.25 -25.43 -3.50
CA TRP D 129 24.51 -25.48 -4.14
C TRP D 129 25.51 -26.56 -3.48
N GLY D 130 24.88 -27.50 -2.84
CA GLY D 130 25.69 -28.64 -2.27
C GLY D 130 26.23 -29.48 -3.35
N VAL D 131 27.11 -30.41 -2.88
CA VAL D 131 27.72 -31.31 -3.82
C VAL D 131 26.73 -32.09 -4.72
N VAL D 132 27.16 -32.33 -5.95
CA VAL D 132 26.37 -33.03 -6.95
C VAL D 132 26.89 -34.42 -7.36
N THR D 133 28.04 -34.78 -6.78
CA THR D 133 28.61 -36.15 -6.89
C THR D 133 29.15 -36.54 -5.60
N HIS D 134 29.29 -37.86 -5.42
CA HIS D 134 29.91 -38.45 -4.24
C HIS D 134 31.35 -38.02 -4.08
N ALA D 135 32.10 -37.91 -5.14
CA ALA D 135 33.49 -37.53 -5.02
C ALA D 135 33.59 -36.08 -4.56
N GLY D 136 32.50 -35.32 -4.56
CA GLY D 136 32.47 -33.93 -4.06
C GLY D 136 32.43 -32.78 -5.04
N ARG D 137 32.00 -33.05 -6.28
CA ARG D 137 31.93 -31.93 -7.21
C ARG D 137 30.93 -30.87 -6.75
N ARG D 138 31.41 -29.64 -6.66
CA ARG D 138 30.51 -28.52 -6.27
C ARG D 138 29.99 -27.88 -7.52
N PRO D 139 28.69 -27.68 -7.61
CA PRO D 139 28.13 -27.07 -8.84
C PRO D 139 28.34 -25.54 -8.81
N ASP D 140 28.54 -24.96 -9.99
CA ASP D 140 28.52 -23.54 -10.11
C ASP D 140 27.14 -22.97 -9.94
N VAL D 141 26.09 -23.64 -10.43
CA VAL D 141 24.74 -23.13 -10.43
C VAL D 141 23.84 -23.87 -9.52
N LEU D 142 22.76 -23.30 -9.09
CA LEU D 142 21.79 -23.89 -8.20
C LEU D 142 21.22 -25.06 -8.81
N HIS D 143 21.14 -26.21 -8.04
CA HIS D 143 20.40 -27.40 -8.41
C HIS D 143 19.16 -27.53 -7.58
N GLN D 144 18.25 -28.37 -8.08
CA GLN D 144 16.98 -28.60 -7.38
C GLN D 144 16.60 -30.11 -7.43
N LEU D 145 15.75 -30.46 -6.53
CA LEU D 145 15.19 -31.83 -6.52
C LEU D 145 13.81 -31.79 -5.87
N ARG D 146 12.90 -32.58 -6.44
CA ARG D 146 11.62 -32.77 -5.83
C ARG D 146 11.68 -34.01 -4.93
N VAL D 147 11.33 -33.84 -3.64
CA VAL D 147 11.42 -34.94 -2.72
C VAL D 147 10.06 -35.33 -2.17
N SER D 148 9.99 -36.64 -1.81
CA SER D 148 8.78 -37.22 -1.33
C SER D 148 8.85 -37.32 0.17
N ILE D 149 7.90 -36.72 0.87
CA ILE D 149 7.89 -36.70 2.30
C ILE D 149 7.55 -38.08 2.83
N MET D 150 8.24 -38.46 3.90
CA MET D 150 8.08 -39.75 4.52
C MET D 150 7.39 -39.62 5.89
N ASN D 151 6.81 -40.75 6.33
CA ASN D 151 6.28 -40.87 7.67
C ASN D 151 7.35 -40.88 8.72
N ARG D 152 7.26 -39.95 9.70
CA ARG D 152 8.15 -39.86 10.79
C ARG D 152 8.40 -41.22 11.42
N THR D 153 7.37 -42.02 11.68
CA THR D 153 7.56 -43.30 12.35
C THR D 153 8.48 -44.30 11.63
N THR D 154 8.33 -44.24 10.28
CA THR D 154 9.12 -45.03 9.43
C THR D 154 10.52 -44.56 9.47
N CYS D 155 10.70 -43.22 9.42
CA CYS D 155 12.03 -42.72 9.39
CA CYS D 155 12.02 -42.68 9.51
C CYS D 155 12.74 -42.92 10.73
N ASN D 156 11.98 -43.09 11.83
CA ASN D 156 12.53 -43.42 13.12
C ASN D 156 12.78 -44.89 13.51
N LEU D 157 12.49 -45.82 12.61
CA LEU D 157 12.67 -47.20 12.90
C LEU D 157 14.15 -47.51 13.07
N ARG D 158 14.45 -48.60 13.77
CA ARG D 158 15.90 -48.98 14.06
C ARG D 158 16.65 -49.23 12.75
N THR D 159 15.95 -49.63 11.70
CA THR D 159 16.48 -49.85 10.35
C THR D 159 16.81 -48.54 9.57
N TYR D 160 16.23 -47.39 10.03
CA TYR D 160 16.42 -46.04 9.46
C TYR D 160 17.18 -45.19 10.48
N HIS D 161 16.58 -44.17 11.10
CA HIS D 161 17.27 -43.24 11.94
C HIS D 161 17.13 -43.47 13.42
N ASP D 162 16.47 -44.55 13.72
CA ASP D 162 16.49 -45.15 15.10
C ASP D 162 16.06 -44.10 16.18
N GLY D 163 14.93 -43.41 15.94
CA GLY D 163 14.30 -42.57 16.99
C GLY D 163 14.75 -41.14 17.12
N VAL D 164 15.72 -40.70 16.29
CA VAL D 164 16.22 -39.29 16.44
C VAL D 164 15.44 -38.15 15.71
N VAL D 165 14.46 -38.49 14.88
CA VAL D 165 13.64 -37.49 14.21
C VAL D 165 12.57 -37.08 15.12
N THR D 166 12.67 -35.86 15.63
CA THR D 166 11.66 -35.36 16.61
C THR D 166 10.39 -34.84 15.94
N ILE D 167 9.45 -34.40 16.78
CA ILE D 167 8.25 -33.79 16.28
C ILE D 167 8.49 -32.38 15.61
N ASN D 168 9.70 -31.82 15.80
CA ASN D 168 10.06 -30.57 15.23
C ASN D 168 10.83 -30.73 13.95
N MET D 169 10.80 -31.95 13.41
CA MET D 169 11.58 -32.38 12.24
C MET D 169 10.62 -33.09 11.29
N MET D 170 11.04 -33.18 10.05
CA MET D 170 10.37 -33.96 9.10
C MET D 170 11.41 -34.65 8.18
N CYS D 171 10.97 -35.69 7.47
CA CYS D 171 11.85 -36.61 6.71
CA CYS D 171 11.95 -36.45 6.69
C CYS D 171 11.40 -36.67 5.27
N ALA D 172 12.33 -37.02 4.37
CA ALA D 172 11.99 -37.26 2.98
C ALA D 172 12.90 -38.36 2.42
N GLU D 173 12.37 -38.98 1.37
CA GLU D 173 13.08 -40.14 0.76
C GLU D 173 14.45 -39.71 0.20
N SER D 174 15.39 -40.69 0.25
CA SER D 174 16.80 -40.41 -0.01
C SER D 174 17.44 -41.44 -0.90
N ASN D 175 16.66 -42.23 -1.60
CA ASN D 175 17.24 -43.30 -2.44
C ASN D 175 17.85 -42.71 -3.72
N ARG D 176 19.16 -42.72 -3.78
CA ARG D 176 19.95 -42.26 -4.94
C ARG D 176 19.93 -40.74 -5.13
N ARG D 177 18.76 -40.13 -5.18
CA ARG D 177 18.58 -38.69 -5.30
C ARG D 177 18.39 -38.11 -3.88
N ASP D 178 19.14 -37.02 -3.53
CA ASP D 178 19.20 -36.59 -2.12
C ASP D 178 19.85 -35.20 -1.96
N THR D 179 19.60 -34.56 -0.82
CA THR D 179 20.41 -33.43 -0.38
C THR D 179 21.74 -33.94 0.09
N CYS D 180 22.78 -33.16 0.07
CA CYS D 180 24.06 -33.62 0.48
C CYS D 180 24.84 -32.46 1.08
N ARG D 181 26.18 -32.60 1.20
CA ARG D 181 26.98 -31.61 1.87
C ARG D 181 26.93 -30.27 1.08
N GLY D 182 26.68 -29.23 1.88
CA GLY D 182 26.45 -27.89 1.29
C GLY D 182 25.00 -27.52 1.04
N ASP D 183 24.12 -28.44 1.16
CA ASP D 183 22.67 -28.12 1.10
C ASP D 183 22.05 -27.84 2.45
N SER D 184 22.78 -28.07 3.57
N SER D 184 22.76 -28.11 3.57
CA SER D 184 22.28 -27.66 4.87
CA SER D 184 22.30 -27.67 4.83
C SER D 184 21.79 -26.19 4.79
C SER D 184 21.79 -26.18 4.81
N GLY D 185 20.77 -25.93 5.54
CA GLY D 185 20.28 -24.52 5.53
C GLY D 185 19.35 -24.21 4.36
N SER D 186 19.38 -24.93 3.28
CA SER D 186 18.41 -24.63 2.20
C SER D 186 17.09 -24.88 2.72
N PRO D 187 16.04 -24.13 2.20
CA PRO D 187 14.68 -24.32 2.56
C PRO D 187 14.05 -25.49 1.78
N LEU D 188 13.12 -26.16 2.45
CA LEU D 188 12.26 -27.13 1.80
C LEU D 188 10.91 -26.42 1.65
N VAL D 189 10.48 -26.30 0.40
CA VAL D 189 9.26 -25.63 0.09
C VAL D 189 8.19 -26.62 -0.21
N CYS D 190 7.08 -26.49 0.54
CA CYS D 190 5.86 -27.28 0.30
C CYS D 190 4.78 -26.35 0.10
N GLY D 191 4.08 -26.47 -1.03
CA GLY D 191 3.07 -25.56 -1.27
C GLY D 191 3.64 -24.18 -1.61
N ASP D 192 3.07 -23.18 -1.00
CA ASP D 192 3.45 -21.76 -1.27
C ASP D 192 4.42 -21.19 -0.20
N ALA D 193 4.99 -22.07 0.64
CA ALA D 193 5.73 -21.57 1.76
C ALA D 193 6.93 -22.44 2.07
N VAL D 194 7.88 -21.86 2.85
CA VAL D 194 8.96 -22.68 3.42
C VAL D 194 8.37 -23.52 4.56
N GLU D 195 8.50 -24.81 4.41
CA GLU D 195 8.08 -25.78 5.46
C GLU D 195 9.26 -26.20 6.37
N GLY D 196 10.43 -26.36 5.75
CA GLY D 196 11.55 -26.95 6.45
C GLY D 196 12.81 -26.33 6.11
N VAL D 197 13.86 -26.62 6.87
CA VAL D 197 15.21 -26.18 6.61
C VAL D 197 16.10 -27.49 6.65
N VAL D 198 16.89 -27.74 5.62
CA VAL D 198 17.79 -28.96 5.63
C VAL D 198 18.65 -28.87 6.87
N THR D 199 18.73 -30.09 7.55
CA THR D 199 19.71 -30.40 8.61
C THR D 199 20.51 -31.57 8.22
N TRP D 200 21.39 -31.92 9.15
CA TRP D 200 22.14 -33.20 9.23
C TRP D 200 23.08 -33.15 7.99
N GLY D 201 23.97 -32.16 8.01
CA GLY D 201 24.84 -31.92 6.81
C GLY D 201 25.85 -33.02 6.41
N SER D 202 26.20 -33.72 7.48
CA SER D 202 27.16 -34.84 7.57
C SER D 202 26.62 -36.25 7.20
N ARG D 203 25.28 -36.30 7.21
CA ARG D 203 24.55 -37.54 6.89
C ARG D 203 25.13 -38.05 5.60
N VAL D 204 25.19 -39.34 5.51
CA VAL D 204 25.49 -39.95 4.26
C VAL D 204 24.41 -39.60 3.26
N CYS D 205 24.80 -39.54 2.01
CA CYS D 205 23.87 -39.09 0.97
C CYS D 205 23.49 -40.20 0.02
N GLY D 206 22.22 -40.22 -0.30
CA GLY D 206 21.68 -41.15 -1.32
C GLY D 206 21.43 -42.58 -0.90
N ASN D 207 21.49 -42.84 0.42
CA ASN D 207 21.17 -44.10 1.02
C ASN D 207 19.70 -44.08 1.48
N GLY D 208 18.86 -44.90 0.81
CA GLY D 208 17.41 -44.86 1.09
C GLY D 208 17.10 -45.27 2.55
N LYS D 209 18.03 -45.92 3.27
CA LYS D 209 17.80 -46.24 4.71
C LYS D 209 18.22 -45.14 5.67
N LYS D 210 18.71 -44.06 5.09
CA LYS D 210 19.09 -42.90 5.92
C LYS D 210 18.43 -41.68 5.30
N PRO D 211 17.15 -41.50 5.56
CA PRO D 211 16.38 -40.46 4.92
C PRO D 211 16.80 -38.99 5.18
N GLY D 212 16.50 -38.12 4.28
CA GLY D 212 16.79 -36.65 4.49
C GLY D 212 15.94 -36.10 5.63
N VAL D 213 16.58 -35.25 6.46
CA VAL D 213 15.95 -34.68 7.63
C VAL D 213 15.88 -33.15 7.46
N TYR D 214 14.76 -32.58 7.88
CA TYR D 214 14.56 -31.12 7.80
C TYR D 214 14.00 -30.63 9.11
N THR D 215 14.36 -29.42 9.51
CA THR D 215 13.79 -28.82 10.68
C THR D 215 12.45 -28.16 10.30
N ARG D 216 11.36 -28.33 11.00
CA ARG D 216 10.06 -27.70 10.65
C ARG D 216 10.02 -26.27 11.13
N VAL D 217 9.84 -25.31 10.29
CA VAL D 217 9.85 -23.91 10.68
C VAL D 217 8.71 -23.58 11.56
N SER D 218 7.55 -24.22 11.35
CA SER D 218 6.40 -23.84 12.16
C SER D 218 6.62 -24.07 13.64
N SER D 219 7.47 -24.99 14.02
CA SER D 219 7.84 -25.32 15.35
C SER D 219 8.59 -24.16 16.07
N TYR D 220 9.15 -23.30 15.22
CA TYR D 220 10.01 -22.21 15.70
C TYR D 220 9.47 -20.82 15.41
N ARG D 221 8.14 -20.77 15.18
CA ARG D 221 7.55 -19.54 14.78
C ARG D 221 7.74 -18.45 15.82
N MET D 222 7.65 -18.80 17.12
CA MET D 222 7.79 -17.78 18.14
C MET D 222 9.18 -17.14 18.20
N TRP D 223 10.17 -18.01 18.13
CA TRP D 223 11.55 -17.51 18.13
C TRP D 223 11.81 -16.66 16.88
N ILE D 224 11.39 -17.18 15.72
CA ILE D 224 11.66 -16.43 14.54
C ILE D 224 11.00 -15.04 14.59
N GLU D 225 9.72 -15.02 14.97
CA GLU D 225 8.96 -13.76 15.03
C GLU D 225 9.63 -12.78 15.96
N ASN D 226 10.04 -13.30 17.10
CA ASN D 226 10.65 -12.42 18.10
CA ASN D 226 10.66 -12.48 18.10
C ASN D 226 12.01 -11.84 17.65
N ILE D 227 12.86 -12.64 17.06
CA ILE D 227 14.14 -12.18 16.60
C ILE D 227 14.02 -11.18 15.49
N THR D 228 13.13 -11.49 14.55
CA THR D 228 12.98 -10.69 13.33
C THR D 228 12.01 -9.52 13.43
N ASN D 229 11.40 -9.38 14.60
CA ASN D 229 10.49 -8.22 14.78
C ASN D 229 11.18 -6.83 14.59
N GLY D 230 10.46 -5.94 14.02
CA GLY D 230 11.04 -4.70 13.42
C GLY D 230 11.57 -3.73 14.45
#